data_6XT5
#
_entry.id   6XT5
#
_cell.length_a   106.989
_cell.length_b   88.882
_cell.length_c   109.848
_cell.angle_alpha   90.000
_cell.angle_beta   111.722
_cell.angle_gamma   90.000
#
_symmetry.space_group_name_H-M   'I 1 2 1'
#
loop_
_entity.id
_entity.type
_entity.pdbx_description
1 polymer Legumain
2 water water
#
_entity_poly.entity_id   1
_entity_poly.type   'polypeptide(L)'
_entity_poly.pdbx_seq_one_letter_code
;RGSHHHHHHGSEVGTRWAVLVAGSNGYGNYRHQADVCHAYQLLIKGGVKEENIVVFMYDDIAYNAMNPRPGVIINHPQGP
DVYAGVPKDYTGEDVTPENLYAVILGDKSKVKGGSGKVINSNPEDRIFIFYS(SNN)HGGPGVLGMPNAPFVYAMDFIDV
LKKKHASGGYKEMVIYIEACESGSIFEGIMPKDLNIYVTTASNAQENSFGTYCPGMNPPPPEEYVTCLGDLYSVSWMEDS
ETHNLKRETVQQQYQSVRKRTSNSNSYRFGSHVMQYGDTNITAEKLYLYHGFDPATVNFPPHNGNLEAKMEVVNQRDAEL
LFMWQMYQRSNHQPEKKTHILEQITETVKHRNHLDGSVELIGVLLYGPGKSSSVLHSVRAPGLPLVDDWTCLKSMVRVFE
THCGSLTQYGMKHMRAFGNVCNSGVSKASMEEACKAACGGYDAGLLYPSNTGYSA
;
_entity_poly.pdbx_strand_id   A,B
#
# COMPACT_ATOMS: atom_id res chain seq x y z
N GLY A 14 -30.06 15.71 -40.47
CA GLY A 14 -29.60 14.33 -40.12
C GLY A 14 -30.05 13.91 -38.73
N THR A 15 -30.42 12.64 -38.57
CA THR A 15 -30.99 12.06 -37.32
C THR A 15 -29.87 11.88 -36.28
N ARG A 16 -30.22 11.91 -34.99
CA ARG A 16 -29.30 11.63 -33.85
C ARG A 16 -29.26 10.13 -33.58
N TRP A 17 -28.10 9.59 -33.22
CA TRP A 17 -27.91 8.19 -32.74
C TRP A 17 -27.26 8.21 -31.37
N ALA A 18 -27.34 7.10 -30.63
CA ALA A 18 -26.69 6.93 -29.32
C ALA A 18 -26.25 5.48 -29.14
N VAL A 19 -25.24 5.28 -28.27
CA VAL A 19 -24.76 3.95 -27.79
C VAL A 19 -24.55 4.04 -26.28
N LEU A 20 -25.34 3.29 -25.52
CA LEU A 20 -25.29 3.24 -24.04
C LEU A 20 -24.76 1.88 -23.62
N VAL A 21 -23.71 1.85 -22.79
CA VAL A 21 -23.01 0.60 -22.37
C VAL A 21 -22.84 0.62 -20.85
N ALA A 22 -23.42 -0.36 -20.18
CA ALA A 22 -23.04 -0.74 -18.80
C ALA A 22 -22.03 -1.87 -18.94
N GLY A 23 -20.90 -1.80 -18.22
CA GLY A 23 -19.75 -2.69 -18.40
C GLY A 23 -19.63 -3.72 -17.29
N SER A 24 -20.61 -3.75 -16.37
CA SER A 24 -20.56 -4.47 -15.08
C SER A 24 -21.79 -5.37 -14.91
N ASN A 25 -21.72 -6.27 -13.92
CA ASN A 25 -22.72 -7.32 -13.58
C ASN A 25 -23.20 -7.17 -12.14
N GLY A 26 -24.25 -7.91 -11.78
CA GLY A 26 -24.62 -8.23 -10.39
C GLY A 26 -25.22 -7.04 -9.67
N TYR A 27 -25.99 -7.33 -8.61
CA TYR A 27 -26.81 -6.34 -7.86
C TYR A 27 -25.88 -5.24 -7.31
N GLY A 28 -24.68 -5.63 -6.88
CA GLY A 28 -23.59 -4.72 -6.47
C GLY A 28 -23.39 -3.56 -7.44
N ASN A 29 -23.53 -3.78 -8.76
CA ASN A 29 -23.24 -2.75 -9.79
C ASN A 29 -24.54 -2.21 -10.38
N TYR A 30 -25.54 -2.04 -9.52
CA TYR A 30 -26.89 -1.49 -9.84
C TYR A 30 -26.70 -0.11 -10.48
N ARG A 31 -25.77 0.68 -9.96
CA ARG A 31 -25.45 2.05 -10.44
C ARG A 31 -25.38 2.09 -11.97
N HIS A 32 -24.68 1.13 -12.59
CA HIS A 32 -24.20 1.25 -13.99
C HIS A 32 -25.35 0.97 -14.97
N GLN A 33 -26.08 -0.13 -14.79
CA GLN A 33 -27.28 -0.48 -15.61
C GLN A 33 -28.37 0.60 -15.41
N ALA A 34 -28.47 1.16 -14.19
CA ALA A 34 -29.37 2.28 -13.83
C ALA A 34 -28.92 3.59 -14.51
N ASP A 35 -27.61 3.85 -14.57
CA ASP A 35 -27.04 5.05 -15.23
C ASP A 35 -27.47 5.07 -16.69
N VAL A 36 -27.40 3.93 -17.39
CA VAL A 36 -27.66 3.85 -18.87
C VAL A 36 -29.18 3.86 -19.11
N CYS A 37 -29.96 3.12 -18.34
CA CYS A 37 -31.44 3.16 -18.40
C CYS A 37 -31.90 4.61 -18.32
N HIS A 38 -31.56 5.29 -17.22
CA HIS A 38 -31.76 6.75 -16.99
C HIS A 38 -31.42 7.51 -18.28
N ALA A 39 -30.20 7.32 -18.82
CA ALA A 39 -29.70 7.99 -20.04
C ALA A 39 -30.67 7.79 -21.20
N TYR A 40 -31.06 6.55 -21.48
CA TYR A 40 -32.03 6.18 -22.55
C TYR A 40 -33.30 7.03 -22.37
N GLN A 41 -33.87 7.07 -21.16
CA GLN A 41 -35.17 7.75 -20.89
C GLN A 41 -35.04 9.23 -21.28
N LEU A 42 -33.99 9.90 -20.83
CA LEU A 42 -33.64 11.29 -21.23
C LEU A 42 -33.63 11.39 -22.76
N LEU A 43 -32.70 10.72 -23.44
CA LEU A 43 -32.52 10.77 -24.91
C LEU A 43 -33.86 10.58 -25.64
N ILE A 44 -34.69 9.62 -25.20
CA ILE A 44 -36.07 9.40 -25.74
C ILE A 44 -36.86 10.71 -25.55
N LYS A 45 -36.83 11.27 -24.33
CA LYS A 45 -37.58 12.48 -23.91
C LYS A 45 -37.22 13.68 -24.82
N GLY A 46 -36.00 13.67 -25.40
CA GLY A 46 -35.50 14.70 -26.32
C GLY A 46 -35.77 14.37 -27.78
N GLY A 47 -36.56 13.32 -28.06
CA GLY A 47 -36.99 12.96 -29.42
C GLY A 47 -35.96 12.16 -30.21
N VAL A 48 -34.99 11.55 -29.53
CA VAL A 48 -34.09 10.52 -30.12
C VAL A 48 -34.88 9.21 -30.09
N LYS A 49 -35.04 8.56 -31.25
CA LYS A 49 -35.93 7.38 -31.45
C LYS A 49 -35.27 6.13 -30.85
N GLU A 50 -36.09 5.14 -30.46
CA GLU A 50 -35.66 3.82 -29.94
C GLU A 50 -34.78 3.09 -30.97
N GLU A 51 -35.07 3.27 -32.26
CA GLU A 51 -34.41 2.53 -33.36
C GLU A 51 -33.03 3.12 -33.66
N ASN A 52 -32.72 4.30 -33.11
CA ASN A 52 -31.44 5.03 -33.32
C ASN A 52 -30.51 4.85 -32.11
N ILE A 53 -31.06 4.40 -30.98
CA ILE A 53 -30.31 4.13 -29.72
C ILE A 53 -30.06 2.62 -29.59
N VAL A 54 -28.79 2.22 -29.48
CA VAL A 54 -28.34 0.84 -29.14
C VAL A 54 -28.11 0.78 -27.62
N VAL A 55 -28.56 -0.27 -26.95
CA VAL A 55 -28.37 -0.40 -25.47
C VAL A 55 -27.62 -1.70 -25.18
N PHE A 56 -26.51 -1.57 -24.46
CA PHE A 56 -25.72 -2.68 -23.85
C PHE A 56 -25.99 -2.66 -22.34
N MET A 57 -26.69 -3.67 -21.84
CA MET A 57 -26.91 -3.92 -20.39
C MET A 57 -27.02 -5.43 -20.18
N TYR A 58 -26.30 -6.00 -19.21
CA TYR A 58 -26.35 -7.45 -18.89
C TYR A 58 -27.80 -7.85 -18.62
N ASP A 59 -28.55 -7.01 -17.91
CA ASP A 59 -30.02 -7.15 -17.69
C ASP A 59 -30.25 -8.20 -16.58
N ASP A 60 -29.63 -8.00 -15.43
CA ASP A 60 -29.63 -8.95 -14.28
C ASP A 60 -30.06 -8.19 -13.02
N ILE A 61 -30.59 -6.96 -13.18
CA ILE A 61 -30.96 -6.03 -12.08
C ILE A 61 -32.48 -6.04 -11.91
N ALA A 62 -33.21 -5.68 -12.97
CA ALA A 62 -34.68 -5.51 -13.02
C ALA A 62 -35.41 -6.69 -12.35
N TYR A 63 -35.02 -7.92 -12.66
CA TYR A 63 -35.67 -9.16 -12.16
C TYR A 63 -34.68 -9.94 -11.29
N ASN A 64 -33.97 -9.21 -10.43
CA ASN A 64 -32.97 -9.78 -9.49
C ASN A 64 -33.62 -9.97 -8.12
N ALA A 65 -33.40 -11.14 -7.50
CA ALA A 65 -33.93 -11.56 -6.19
C ALA A 65 -33.89 -10.40 -5.19
N MET A 66 -32.81 -9.60 -5.21
CA MET A 66 -32.50 -8.60 -4.16
C MET A 66 -33.13 -7.24 -4.50
N ASN A 67 -33.86 -7.15 -5.62
CA ASN A 67 -34.56 -5.92 -6.06
C ASN A 67 -35.84 -5.79 -5.24
N PRO A 68 -36.00 -4.75 -4.39
CA PRO A 68 -37.21 -4.58 -3.61
C PRO A 68 -38.41 -4.14 -4.45
N ARG A 69 -38.23 -4.07 -5.78
CA ARG A 69 -39.23 -3.58 -6.76
C ARG A 69 -39.08 -4.31 -8.08
N PRO A 70 -39.44 -5.61 -8.17
CA PRO A 70 -39.22 -6.40 -9.39
C PRO A 70 -39.75 -5.71 -10.67
N GLY A 71 -38.98 -5.79 -11.75
CA GLY A 71 -39.25 -5.11 -13.04
C GLY A 71 -38.98 -3.61 -13.01
N VAL A 72 -38.55 -3.06 -11.87
CA VAL A 72 -38.24 -1.60 -11.71
C VAL A 72 -36.73 -1.41 -11.48
N ILE A 73 -36.23 -0.24 -11.89
CA ILE A 73 -34.83 0.23 -11.66
C ILE A 73 -34.89 1.76 -11.50
N ILE A 74 -34.25 2.29 -10.45
CA ILE A 74 -34.20 3.76 -10.16
C ILE A 74 -32.72 4.20 -10.18
N ASN A 75 -32.48 5.42 -10.65
CA ASN A 75 -31.15 6.07 -10.74
C ASN A 75 -31.20 7.36 -9.90
N HIS A 76 -32.03 7.33 -8.85
CA HIS A 76 -32.32 8.48 -7.94
C HIS A 76 -33.08 7.93 -6.73
N PRO A 77 -32.74 8.39 -5.49
CA PRO A 77 -33.49 8.02 -4.29
C PRO A 77 -35.02 8.00 -4.42
N GLN A 78 -35.58 8.98 -5.13
CA GLN A 78 -37.04 9.19 -5.32
C GLN A 78 -37.45 8.94 -6.78
N GLY A 79 -36.66 9.43 -7.75
CA GLY A 79 -36.92 9.43 -9.20
C GLY A 79 -37.54 8.12 -9.70
N PRO A 80 -38.10 8.11 -10.93
CA PRO A 80 -38.99 7.04 -11.40
C PRO A 80 -38.31 5.85 -12.10
N ASP A 81 -39.09 4.81 -12.40
CA ASP A 81 -38.60 3.66 -13.20
C ASP A 81 -37.89 4.21 -14.44
N VAL A 82 -36.66 3.74 -14.67
CA VAL A 82 -35.87 4.02 -15.91
C VAL A 82 -35.78 2.74 -16.76
N TYR A 83 -36.19 1.59 -16.23
CA TYR A 83 -36.09 0.28 -16.91
C TYR A 83 -37.17 0.13 -17.99
N ALA A 84 -38.35 0.71 -17.75
CA ALA A 84 -39.57 0.60 -18.60
C ALA A 84 -39.20 0.88 -20.07
N GLY A 85 -39.23 -0.17 -20.91
CA GLY A 85 -39.16 -0.07 -22.38
C GLY A 85 -37.75 0.17 -22.93
N VAL A 86 -36.71 0.01 -22.10
CA VAL A 86 -35.30 0.11 -22.58
C VAL A 86 -35.07 -1.10 -23.47
N PRO A 87 -34.55 -0.96 -24.71
CA PRO A 87 -34.47 -2.08 -25.64
C PRO A 87 -33.40 -3.06 -25.12
N LYS A 88 -33.62 -4.35 -25.35
CA LYS A 88 -32.70 -5.43 -24.94
C LYS A 88 -31.87 -5.80 -26.18
N ASP A 89 -31.17 -4.80 -26.72
CA ASP A 89 -30.34 -4.92 -27.95
C ASP A 89 -29.19 -5.90 -27.68
N TYR A 90 -28.39 -5.69 -26.63
CA TYR A 90 -27.19 -6.52 -26.31
C TYR A 90 -27.15 -6.75 -24.80
N THR A 91 -27.46 -7.99 -24.39
CA THR A 91 -27.62 -8.43 -22.98
C THR A 91 -26.82 -9.72 -22.77
N GLY A 92 -26.70 -10.17 -21.53
CA GLY A 92 -25.95 -11.38 -21.19
C GLY A 92 -24.60 -11.43 -21.89
N GLU A 93 -24.23 -12.58 -22.44
CA GLU A 93 -22.88 -12.86 -22.97
C GLU A 93 -22.60 -12.01 -24.21
N ASP A 94 -23.56 -11.19 -24.66
CA ASP A 94 -23.49 -10.42 -25.93
C ASP A 94 -22.91 -9.01 -25.69
N VAL A 95 -22.88 -8.56 -24.43
CA VAL A 95 -22.23 -7.29 -24.02
C VAL A 95 -20.71 -7.46 -24.17
N THR A 96 -20.22 -7.65 -25.41
CA THR A 96 -18.82 -8.00 -25.70
C THR A 96 -18.13 -6.82 -26.38
N PRO A 97 -16.80 -6.64 -26.19
CA PRO A 97 -16.05 -5.69 -26.99
C PRO A 97 -16.32 -5.82 -28.50
N GLU A 98 -16.34 -7.05 -29.02
CA GLU A 98 -16.55 -7.29 -30.48
C GLU A 98 -17.94 -6.77 -30.91
N ASN A 99 -18.97 -6.91 -30.07
CA ASN A 99 -20.33 -6.39 -30.41
C ASN A 99 -20.32 -4.85 -30.34
N LEU A 100 -19.66 -4.27 -29.34
CA LEU A 100 -19.53 -2.79 -29.14
C LEU A 100 -18.92 -2.18 -30.40
N TYR A 101 -17.79 -2.73 -30.86
CA TYR A 101 -17.05 -2.25 -32.06
C TYR A 101 -17.94 -2.42 -33.30
N ALA A 102 -18.52 -3.61 -33.50
CA ALA A 102 -19.43 -3.87 -34.63
C ALA A 102 -20.46 -2.76 -34.68
N VAL A 103 -21.23 -2.61 -33.61
CA VAL A 103 -22.35 -1.63 -33.46
C VAL A 103 -21.85 -0.23 -33.86
N ILE A 104 -20.77 0.27 -33.26
CA ILE A 104 -20.29 1.66 -33.48
C ILE A 104 -19.92 1.84 -34.96
N LEU A 105 -19.26 0.83 -35.56
CA LEU A 105 -18.83 0.84 -36.97
C LEU A 105 -20.03 0.72 -37.94
N GLY A 106 -21.19 0.27 -37.45
CA GLY A 106 -22.42 0.08 -38.26
C GLY A 106 -22.40 -1.25 -38.98
N ASP A 107 -21.51 -2.17 -38.57
CA ASP A 107 -21.17 -3.41 -39.30
C ASP A 107 -22.00 -4.59 -38.78
N LYS A 108 -23.09 -4.93 -39.47
CA LYS A 108 -24.06 -5.99 -39.07
C LYS A 108 -23.44 -7.39 -39.18
N SER A 109 -22.36 -7.55 -39.96
CA SER A 109 -21.75 -8.86 -40.27
C SER A 109 -20.81 -9.30 -39.15
N LYS A 110 -20.42 -8.37 -38.26
CA LYS A 110 -19.49 -8.63 -37.12
C LYS A 110 -20.30 -8.86 -35.85
N VAL A 111 -21.54 -8.35 -35.81
CA VAL A 111 -22.48 -8.55 -34.68
C VAL A 111 -22.70 -10.05 -34.49
N LYS A 112 -22.58 -10.52 -33.25
CA LYS A 112 -22.98 -11.88 -32.80
C LYS A 112 -24.11 -11.75 -31.78
N GLY A 113 -25.27 -12.34 -32.07
CA GLY A 113 -26.43 -12.36 -31.17
C GLY A 113 -27.06 -10.98 -31.02
N GLY A 114 -27.89 -10.81 -29.98
CA GLY A 114 -28.57 -9.55 -29.67
C GLY A 114 -29.60 -9.21 -30.74
N SER A 115 -30.07 -7.96 -30.79
CA SER A 115 -31.10 -7.50 -31.73
C SER A 115 -30.51 -7.42 -33.15
N GLY A 116 -29.22 -7.11 -33.26
CA GLY A 116 -28.56 -6.82 -34.55
C GLY A 116 -28.81 -5.39 -35.00
N LYS A 117 -29.33 -4.55 -34.10
CA LYS A 117 -29.35 -3.06 -34.23
C LYS A 117 -27.91 -2.54 -34.23
N VAL A 118 -27.60 -1.55 -35.08
CA VAL A 118 -26.24 -0.94 -35.20
C VAL A 118 -26.38 0.56 -35.51
N ILE A 119 -25.26 1.27 -35.51
CA ILE A 119 -25.18 2.70 -35.92
C ILE A 119 -24.77 2.75 -37.40
N ASN A 120 -25.74 2.60 -38.31
CA ASN A 120 -25.57 2.97 -39.75
C ASN A 120 -26.10 4.40 -39.89
N SER A 121 -25.32 5.33 -39.33
CA SER A 121 -25.47 6.80 -39.41
C SER A 121 -24.99 7.29 -40.77
N ASN A 122 -25.36 8.52 -41.14
CA ASN A 122 -25.00 9.19 -42.42
C ASN A 122 -24.11 10.39 -42.15
N PRO A 123 -23.31 10.84 -43.14
CA PRO A 123 -22.38 11.97 -42.94
C PRO A 123 -22.91 13.26 -42.28
N GLU A 124 -24.22 13.38 -42.07
CA GLU A 124 -24.88 14.60 -41.49
C GLU A 124 -25.56 14.25 -40.15
N ASP A 125 -25.26 13.07 -39.61
CA ASP A 125 -25.86 12.54 -38.35
C ASP A 125 -24.87 12.76 -37.20
N ARG A 126 -25.40 13.09 -36.02
CA ARG A 126 -24.61 13.21 -34.75
C ARG A 126 -24.80 11.92 -33.94
N ILE A 127 -23.77 11.52 -33.19
CA ILE A 127 -23.74 10.28 -32.35
C ILE A 127 -23.38 10.67 -30.92
N PHE A 128 -24.00 10.02 -29.93
CA PHE A 128 -23.65 10.15 -28.49
C PHE A 128 -23.32 8.77 -27.93
N ILE A 129 -22.13 8.62 -27.37
CA ILE A 129 -21.66 7.37 -26.72
C ILE A 129 -21.52 7.64 -25.23
N PHE A 130 -22.29 6.91 -24.41
CA PHE A 130 -22.20 6.95 -22.93
C PHE A 130 -21.87 5.53 -22.45
N TYR A 131 -20.90 5.41 -21.54
CA TYR A 131 -20.39 4.15 -20.95
C TYR A 131 -20.29 4.34 -19.44
N SER A 132 -20.64 3.33 -18.64
CA SER A 132 -20.64 3.39 -17.15
C SER A 132 -20.24 2.05 -16.55
CA HIS A 134 -15.53 0.00 -13.92
C HIS A 134 -14.41 0.32 -14.91
N GLY A 135 -13.21 0.62 -14.42
CA GLY A 135 -12.01 0.71 -15.27
C GLY A 135 -10.71 0.70 -14.51
N GLY A 136 -9.62 0.61 -15.25
CA GLY A 136 -8.25 0.84 -14.77
C GLY A 136 -7.42 1.35 -15.93
N PRO A 137 -6.11 1.59 -15.72
CA PRO A 137 -5.31 2.28 -16.73
C PRO A 137 -5.44 1.65 -18.13
N GLY A 138 -6.16 2.33 -19.01
CA GLY A 138 -6.24 2.02 -20.45
C GLY A 138 -7.18 0.86 -20.77
N VAL A 139 -8.13 0.57 -19.88
CA VAL A 139 -9.04 -0.62 -19.99
C VAL A 139 -10.42 -0.27 -19.40
N LEU A 140 -11.49 -0.58 -20.12
CA LEU A 140 -12.91 -0.43 -19.67
C LEU A 140 -13.51 -1.83 -19.47
N GLY A 141 -14.37 -1.97 -18.46
CA GLY A 141 -14.96 -3.27 -18.07
C GLY A 141 -16.02 -3.73 -19.07
N MET A 142 -16.16 -5.05 -19.22
CA MET A 142 -17.39 -5.66 -19.76
C MET A 142 -17.85 -6.72 -18.76
N PRO A 143 -19.14 -7.09 -18.75
CA PRO A 143 -19.63 -8.03 -17.73
C PRO A 143 -18.77 -9.30 -17.71
N ASN A 144 -18.30 -9.78 -18.87
CA ASN A 144 -17.37 -10.93 -18.99
C ASN A 144 -16.14 -10.54 -19.84
N ALA A 145 -15.00 -11.18 -19.56
CA ALA A 145 -13.76 -11.09 -20.36
C ALA A 145 -14.08 -11.50 -21.80
N PRO A 146 -13.41 -10.91 -22.82
CA PRO A 146 -12.34 -9.93 -22.62
C PRO A 146 -12.90 -8.53 -22.37
N PHE A 147 -12.06 -7.61 -21.89
CA PHE A 147 -12.42 -6.21 -21.60
C PHE A 147 -12.15 -5.36 -22.85
N VAL A 148 -12.38 -4.04 -22.74
CA VAL A 148 -12.18 -3.02 -23.80
C VAL A 148 -10.83 -2.31 -23.56
N TYR A 149 -9.94 -2.33 -24.56
CA TYR A 149 -8.60 -1.69 -24.51
C TYR A 149 -8.64 -0.40 -25.32
N ALA A 150 -8.05 0.66 -24.76
CA ALA A 150 -8.20 2.06 -25.22
C ALA A 150 -7.96 2.12 -26.73
N MET A 151 -6.85 1.53 -27.19
CA MET A 151 -6.41 1.59 -28.61
C MET A 151 -7.49 1.00 -29.51
N ASP A 152 -7.96 -0.23 -29.26
CA ASP A 152 -9.03 -0.88 -30.05
C ASP A 152 -10.25 0.04 -30.13
N PHE A 153 -10.59 0.72 -29.03
CA PHE A 153 -11.74 1.66 -28.98
C PHE A 153 -11.43 2.86 -29.88
N ILE A 154 -10.33 3.57 -29.63
CA ILE A 154 -9.86 4.75 -30.43
C ILE A 154 -9.74 4.35 -31.92
N ASP A 155 -9.09 3.21 -32.21
CA ASP A 155 -8.98 2.61 -33.58
C ASP A 155 -10.34 2.61 -34.29
N VAL A 156 -11.36 2.07 -33.62
CA VAL A 156 -12.76 1.95 -34.14
C VAL A 156 -13.29 3.36 -34.42
N LEU A 157 -13.09 4.30 -33.49
CA LEU A 157 -13.51 5.72 -33.65
C LEU A 157 -12.88 6.30 -34.91
N LYS A 158 -11.57 6.12 -35.10
CA LYS A 158 -10.83 6.52 -36.34
C LYS A 158 -11.54 5.92 -37.56
N LYS A 159 -11.63 4.60 -37.62
CA LYS A 159 -12.23 3.85 -38.76
C LYS A 159 -13.60 4.44 -39.11
N LYS A 160 -14.46 4.66 -38.10
CA LYS A 160 -15.83 5.21 -38.30
C LYS A 160 -15.71 6.54 -39.05
N HIS A 161 -14.75 7.38 -38.66
CA HIS A 161 -14.52 8.73 -39.24
C HIS A 161 -13.92 8.63 -40.65
N ALA A 162 -13.10 7.61 -40.92
CA ALA A 162 -12.52 7.33 -42.25
C ALA A 162 -13.65 7.02 -43.25
N SER A 163 -14.78 6.49 -42.76
CA SER A 163 -15.97 6.10 -43.56
C SER A 163 -17.05 7.18 -43.48
N GLY A 164 -16.75 8.32 -42.86
CA GLY A 164 -17.65 9.48 -42.73
C GLY A 164 -19.04 9.09 -42.27
N GLY A 165 -19.14 8.24 -41.26
CA GLY A 165 -20.42 7.72 -40.73
C GLY A 165 -21.08 8.65 -39.72
N TYR A 166 -20.79 9.96 -39.77
CA TYR A 166 -21.36 11.00 -38.86
C TYR A 166 -20.73 12.36 -39.18
N LYS A 167 -21.33 13.44 -38.65
CA LYS A 167 -20.80 14.83 -38.70
C LYS A 167 -19.89 15.04 -37.48
N GLU A 168 -20.48 14.98 -36.29
CA GLU A 168 -19.79 15.14 -34.97
C GLU A 168 -20.30 14.09 -33.98
N MET A 169 -19.54 13.85 -32.91
CA MET A 169 -19.78 12.80 -31.90
C MET A 169 -19.29 13.30 -30.53
N VAL A 170 -20.12 13.14 -29.49
CA VAL A 170 -19.77 13.35 -28.06
C VAL A 170 -19.65 11.98 -27.40
N ILE A 171 -18.62 11.77 -26.57
CA ILE A 171 -18.41 10.51 -25.78
C ILE A 171 -18.22 10.86 -24.30
N TYR A 172 -19.13 10.40 -23.43
CA TYR A 172 -19.01 10.49 -21.95
C TYR A 172 -18.62 9.10 -21.44
N ILE A 173 -17.61 9.02 -20.55
CA ILE A 173 -17.05 7.75 -19.99
C ILE A 173 -17.01 7.85 -18.45
N GLU A 174 -17.83 7.07 -17.76
CA GLU A 174 -17.76 6.89 -16.29
C GLU A 174 -17.03 5.58 -16.01
N ALA A 175 -15.90 5.68 -15.30
CA ALA A 175 -14.98 4.56 -14.97
C ALA A 175 -13.75 5.15 -14.28
N CYS A 176 -13.22 4.40 -13.29
N CYS A 176 -13.19 4.41 -13.31
CA CYS A 176 -11.94 4.69 -12.60
CA CYS A 176 -11.99 4.84 -12.57
C CYS A 176 -10.86 4.91 -13.67
C CYS A 176 -10.79 4.86 -13.53
N GLU A 177 -10.08 6.00 -13.55
CA GLU A 177 -8.88 6.26 -14.41
C GLU A 177 -9.30 6.31 -15.88
N SER A 178 -10.52 6.77 -16.16
CA SER A 178 -11.10 6.87 -17.54
C SER A 178 -10.28 7.85 -18.41
N GLY A 179 -9.55 8.78 -17.80
CA GLY A 179 -8.54 9.62 -18.48
C GLY A 179 -7.58 8.79 -19.32
N SER A 180 -7.20 7.60 -18.84
CA SER A 180 -6.20 6.70 -19.47
C SER A 180 -6.70 6.14 -20.81
N ILE A 181 -8.01 6.23 -21.08
CA ILE A 181 -8.62 5.66 -22.32
C ILE A 181 -8.27 6.59 -23.49
N PHE A 182 -8.13 7.90 -23.25
CA PHE A 182 -7.96 8.92 -24.32
C PHE A 182 -6.58 9.59 -24.26
N GLU A 183 -6.03 9.82 -23.07
CA GLU A 183 -4.72 10.53 -22.91
C GLU A 183 -3.65 9.78 -23.72
N GLY A 184 -3.12 10.46 -24.74
CA GLY A 184 -1.92 10.04 -25.49
C GLY A 184 -2.26 9.40 -26.83
N ILE A 185 -3.55 9.12 -27.09
CA ILE A 185 -3.99 8.29 -28.26
C ILE A 185 -5.26 8.85 -28.93
N MET A 186 -6.00 9.76 -28.29
CA MET A 186 -7.19 10.42 -28.89
C MET A 186 -6.73 11.57 -29.78
N PRO A 187 -6.96 11.50 -31.11
CA PRO A 187 -6.77 12.67 -31.97
C PRO A 187 -7.88 13.70 -31.73
N LYS A 188 -7.61 14.97 -32.02
CA LYS A 188 -8.57 16.10 -31.86
C LYS A 188 -9.20 16.46 -33.22
N ASP A 189 -8.88 15.67 -34.27
CA ASP A 189 -9.26 15.96 -35.69
C ASP A 189 -10.22 14.89 -36.23
N LEU A 190 -10.92 14.13 -35.36
CA LEU A 190 -11.88 13.06 -35.78
C LEU A 190 -13.32 13.56 -35.65
N ASN A 191 -13.52 14.83 -35.29
CA ASN A 191 -14.86 15.41 -35.02
C ASN A 191 -15.50 14.62 -33.86
N ILE A 192 -14.73 14.36 -32.81
CA ILE A 192 -15.22 13.69 -31.58
C ILE A 192 -14.77 14.52 -30.37
N TYR A 193 -15.71 14.95 -29.54
CA TYR A 193 -15.48 15.57 -28.20
C TYR A 193 -15.74 14.50 -27.13
N VAL A 194 -14.93 14.51 -26.08
CA VAL A 194 -14.95 13.51 -24.98
C VAL A 194 -14.82 14.24 -23.63
N THR A 195 -15.69 13.91 -22.67
CA THR A 195 -15.46 14.14 -21.22
C THR A 195 -15.33 12.77 -20.55
N THR A 196 -14.43 12.66 -19.57
CA THR A 196 -14.30 11.49 -18.67
C THR A 196 -14.72 11.92 -17.27
N ALA A 197 -14.97 10.97 -16.37
CA ALA A 197 -15.44 11.21 -14.98
C ALA A 197 -14.24 11.48 -14.08
N SER A 198 -13.06 11.05 -14.53
CA SER A 198 -11.79 11.09 -13.76
C SER A 198 -10.63 11.32 -14.72
N ASN A 199 -9.49 11.73 -14.18
CA ASN A 199 -8.22 11.88 -14.94
C ASN A 199 -7.70 10.46 -15.23
N ALA A 200 -6.40 10.28 -15.41
CA ALA A 200 -5.79 9.01 -15.86
C ALA A 200 -5.22 8.21 -14.66
N GLN A 201 -5.38 8.70 -13.43
CA GLN A 201 -4.70 8.11 -12.26
C GLN A 201 -5.50 8.30 -10.97
N GLU A 202 -6.76 8.72 -11.02
CA GLU A 202 -7.61 8.81 -9.81
C GLU A 202 -8.82 7.87 -9.95
N ASN A 203 -9.65 7.80 -8.92
CA ASN A 203 -10.89 6.96 -8.87
C ASN A 203 -12.11 7.81 -9.19
N SER A 204 -13.09 7.21 -9.87
CA SER A 204 -14.48 7.71 -9.99
C SER A 204 -15.32 7.13 -8.83
N PHE A 205 -16.50 7.73 -8.58
CA PHE A 205 -17.31 7.46 -7.36
C PHE A 205 -18.75 7.12 -7.73
N GLY A 206 -19.38 6.31 -6.87
CA GLY A 206 -20.84 6.09 -6.81
C GLY A 206 -21.47 6.96 -5.74
N THR A 207 -22.72 7.37 -5.93
CA THR A 207 -23.50 8.20 -4.99
C THR A 207 -24.90 7.62 -4.83
N TYR A 208 -25.71 8.20 -3.93
CA TYR A 208 -27.05 7.71 -3.55
C TYR A 208 -26.87 6.28 -3.00
N CYS A 209 -26.00 6.11 -2.00
CA CYS A 209 -25.62 4.80 -1.41
C CYS A 209 -26.26 4.66 -0.03
N PRO A 210 -26.52 3.41 0.45
CA PRO A 210 -27.13 3.18 1.76
C PRO A 210 -26.85 4.21 2.86
N GLY A 211 -25.60 4.33 3.33
CA GLY A 211 -25.23 5.22 4.45
C GLY A 211 -25.17 6.69 4.06
N MET A 212 -24.96 6.98 2.76
CA MET A 212 -24.50 8.30 2.24
C MET A 212 -25.57 9.38 2.47
N ASN A 213 -25.22 10.65 2.19
CA ASN A 213 -25.86 11.87 2.75
C ASN A 213 -27.17 12.20 2.02
N PRO A 214 -27.22 12.16 0.67
CA PRO A 214 -28.49 12.11 -0.05
C PRO A 214 -28.92 10.65 -0.17
N PRO A 215 -29.76 10.13 0.77
CA PRO A 215 -29.91 8.68 0.94
C PRO A 215 -30.82 8.06 -0.11
N PRO A 216 -30.63 6.76 -0.46
CA PRO A 216 -31.57 6.03 -1.30
C PRO A 216 -32.82 5.63 -0.50
N PRO A 217 -33.77 4.87 -1.08
CA PRO A 217 -34.81 4.22 -0.29
C PRO A 217 -34.20 3.19 0.67
N GLU A 218 -34.64 3.23 1.94
CA GLU A 218 -34.27 2.27 3.02
C GLU A 218 -34.20 0.83 2.51
N GLU A 219 -34.94 0.49 1.43
CA GLU A 219 -35.12 -0.90 0.92
C GLU A 219 -33.85 -1.37 0.18
N TYR A 220 -33.02 -0.43 -0.31
CA TYR A 220 -31.92 -0.68 -1.28
C TYR A 220 -30.58 -0.84 -0.55
N VAL A 221 -29.85 -1.93 -0.86
CA VAL A 221 -28.55 -2.31 -0.23
C VAL A 221 -27.39 -1.95 -1.17
N THR A 222 -27.63 -1.13 -2.20
CA THR A 222 -26.64 -0.76 -3.26
C THR A 222 -26.81 0.71 -3.69
N CYS A 223 -25.76 1.28 -4.27
CA CYS A 223 -25.76 2.66 -4.82
C CYS A 223 -26.63 2.67 -6.07
N LEU A 224 -27.34 3.78 -6.32
CA LEU A 224 -28.39 3.87 -7.37
C LEU A 224 -27.81 4.49 -8.65
N GLY A 225 -26.80 5.37 -8.51
CA GLY A 225 -26.11 5.98 -9.68
C GLY A 225 -24.64 6.25 -9.42
N ASP A 226 -23.99 6.94 -10.36
CA ASP A 226 -22.56 7.33 -10.30
C ASP A 226 -22.46 8.85 -10.48
N LEU A 227 -21.63 9.50 -9.66
CA LEU A 227 -21.64 10.97 -9.44
C LEU A 227 -21.67 11.70 -10.78
N TYR A 228 -20.70 11.43 -11.64
CA TYR A 228 -20.50 12.11 -12.96
C TYR A 228 -21.69 11.79 -13.88
N SER A 229 -22.10 10.51 -13.95
CA SER A 229 -23.26 10.05 -14.76
C SER A 229 -24.51 10.81 -14.33
N VAL A 230 -24.76 10.79 -13.02
CA VAL A 230 -25.95 11.39 -12.34
C VAL A 230 -25.86 12.92 -12.42
N SER A 231 -24.64 13.48 -12.39
CA SER A 231 -24.40 14.93 -12.55
C SER A 231 -24.84 15.37 -13.95
N TRP A 232 -24.31 14.75 -15.02
CA TRP A 232 -24.56 15.20 -16.41
C TRP A 232 -26.04 14.97 -16.75
N MET A 233 -26.58 13.82 -16.36
CA MET A 233 -27.98 13.42 -16.67
C MET A 233 -28.97 14.32 -15.91
N GLU A 234 -28.71 14.60 -14.63
CA GLU A 234 -29.56 15.51 -13.81
C GLU A 234 -29.48 16.92 -14.40
N ASP A 235 -28.30 17.38 -14.80
CA ASP A 235 -28.09 18.71 -15.43
C ASP A 235 -28.92 18.79 -16.72
N SER A 236 -28.83 17.79 -17.61
CA SER A 236 -29.44 17.78 -18.98
C SER A 236 -30.98 17.77 -18.93
N GLU A 237 -31.57 17.05 -17.98
CA GLU A 237 -33.05 16.85 -17.91
C GLU A 237 -33.70 18.05 -17.19
N THR A 238 -32.90 18.89 -16.54
CA THR A 238 -33.35 19.99 -15.66
C THR A 238 -32.88 21.32 -16.26
N HIS A 239 -32.57 21.37 -17.56
CA HIS A 239 -32.13 22.58 -18.31
C HIS A 239 -32.68 22.56 -19.73
N ASN A 240 -33.07 23.73 -20.26
CA ASN A 240 -33.44 23.94 -21.68
C ASN A 240 -32.20 23.76 -22.54
N LEU A 241 -32.01 22.57 -23.12
CA LEU A 241 -30.76 22.20 -23.85
C LEU A 241 -30.65 22.99 -25.16
N LYS A 242 -31.73 23.63 -25.62
CA LYS A 242 -31.71 24.51 -26.82
C LYS A 242 -30.96 25.81 -26.49
N ARG A 243 -30.74 26.11 -25.20
CA ARG A 243 -29.90 27.26 -24.75
C ARG A 243 -28.54 26.77 -24.22
N GLU A 244 -28.54 25.80 -23.30
CA GLU A 244 -27.32 25.28 -22.60
C GLU A 244 -26.29 24.77 -23.62
N THR A 245 -25.02 25.10 -23.45
CA THR A 245 -23.91 24.63 -24.32
C THR A 245 -23.44 23.26 -23.83
N VAL A 246 -22.66 22.56 -24.65
CA VAL A 246 -21.84 21.38 -24.22
C VAL A 246 -20.95 21.84 -23.05
N GLN A 247 -20.14 22.87 -23.32
CA GLN A 247 -19.16 23.48 -22.39
C GLN A 247 -19.83 23.75 -21.03
N GLN A 248 -21.02 24.35 -21.02
CA GLN A 248 -21.72 24.77 -19.78
C GLN A 248 -21.99 23.52 -18.92
N GLN A 249 -22.56 22.47 -19.52
CA GLN A 249 -22.79 21.17 -18.83
C GLN A 249 -21.47 20.69 -18.25
N TYR A 250 -20.41 20.64 -19.06
CA TYR A 250 -19.07 20.19 -18.62
C TYR A 250 -18.75 20.83 -17.27
N GLN A 251 -18.74 22.17 -17.23
CA GLN A 251 -18.41 22.99 -16.03
C GLN A 251 -19.29 22.56 -14.85
N SER A 252 -20.59 22.41 -15.09
CA SER A 252 -21.59 21.99 -14.08
C SER A 252 -21.22 20.61 -13.54
N VAL A 253 -20.87 19.70 -14.42
CA VAL A 253 -20.52 18.28 -14.10
C VAL A 253 -19.16 18.26 -13.39
N ARG A 254 -18.21 19.07 -13.85
CA ARG A 254 -16.87 19.19 -13.21
C ARG A 254 -17.07 19.58 -11.74
N LYS A 255 -17.67 20.76 -11.52
CA LYS A 255 -17.81 21.39 -10.18
C LYS A 255 -18.51 20.43 -9.21
N ARG A 256 -19.50 19.66 -9.67
CA ARG A 256 -20.27 18.74 -8.80
C ARG A 256 -19.47 17.45 -8.59
N THR A 257 -18.85 16.92 -9.64
CA THR A 257 -18.05 15.67 -9.61
C THR A 257 -16.85 15.89 -8.69
N SER A 258 -16.21 17.07 -8.77
CA SER A 258 -15.12 17.51 -7.86
C SER A 258 -15.67 17.51 -6.42
N ASN A 259 -16.96 17.85 -6.28
CA ASN A 259 -17.70 17.73 -4.99
C ASN A 259 -17.09 18.80 -4.06
N SER A 260 -16.71 18.44 -2.83
CA SER A 260 -15.95 19.29 -1.88
C SER A 260 -14.46 19.28 -2.28
N ASN A 261 -13.86 18.08 -2.31
CA ASN A 261 -12.42 17.84 -2.60
C ASN A 261 -12.31 16.91 -3.82
N SER A 262 -11.58 17.33 -4.85
CA SER A 262 -11.52 16.67 -6.20
C SER A 262 -10.40 15.63 -6.25
N TYR A 263 -9.42 15.70 -5.35
CA TYR A 263 -8.23 14.82 -5.31
C TYR A 263 -8.57 13.51 -4.58
N ARG A 264 -9.47 13.55 -3.60
CA ARG A 264 -9.82 12.37 -2.75
C ARG A 264 -11.13 12.65 -1.98
N PHE A 265 -12.27 12.47 -2.66
CA PHE A 265 -13.66 12.75 -2.20
C PHE A 265 -14.55 13.03 -3.43
N GLY A 266 -13.95 13.61 -4.47
CA GLY A 266 -14.54 13.78 -5.83
C GLY A 266 -13.60 13.25 -6.89
N SER A 267 -13.50 13.92 -8.04
CA SER A 267 -12.57 13.59 -9.16
C SER A 267 -12.56 14.72 -10.21
N HIS A 268 -11.53 14.72 -11.08
CA HIS A 268 -11.25 15.74 -12.12
C HIS A 268 -11.89 15.33 -13.45
N VAL A 269 -13.12 15.78 -13.70
CA VAL A 269 -13.81 15.60 -15.01
C VAL A 269 -12.96 16.32 -16.06
N MET A 270 -12.57 15.62 -17.13
CA MET A 270 -11.55 16.05 -18.13
C MET A 270 -12.22 16.27 -19.48
N GLN A 271 -11.46 16.81 -20.43
CA GLN A 271 -11.90 17.05 -21.83
C GLN A 271 -10.79 16.59 -22.76
N TYR A 272 -11.15 15.92 -23.86
CA TYR A 272 -10.22 15.37 -24.89
C TYR A 272 -10.88 15.49 -26.27
N GLY A 273 -10.07 15.55 -27.32
CA GLY A 273 -10.54 15.67 -28.71
C GLY A 273 -10.95 17.10 -29.06
N ASP A 274 -11.80 17.25 -30.09
CA ASP A 274 -12.16 18.55 -30.73
C ASP A 274 -13.02 19.36 -29.77
N THR A 275 -12.48 20.48 -29.26
CA THR A 275 -13.08 21.33 -28.21
C THR A 275 -13.90 22.46 -28.85
N ASN A 276 -14.24 22.34 -30.14
CA ASN A 276 -15.17 23.26 -30.85
C ASN A 276 -16.62 22.82 -30.61
N ILE A 277 -16.83 21.52 -30.42
CA ILE A 277 -18.15 20.92 -30.04
C ILE A 277 -18.65 21.56 -28.75
N THR A 278 -17.74 22.07 -27.90
CA THR A 278 -18.07 22.74 -26.62
C THR A 278 -19.00 23.93 -26.90
N ALA A 279 -18.78 24.66 -28.00
CA ALA A 279 -19.50 25.89 -28.39
C ALA A 279 -20.99 25.59 -28.66
N GLU A 280 -21.28 24.39 -29.15
CA GLU A 280 -22.61 23.99 -29.67
C GLU A 280 -23.59 23.79 -28.52
N LYS A 281 -24.88 23.81 -28.86
CA LYS A 281 -26.02 23.56 -27.93
C LYS A 281 -26.17 22.05 -27.73
N LEU A 282 -26.35 21.63 -26.48
CA LEU A 282 -26.40 20.20 -26.06
C LEU A 282 -27.52 19.44 -26.80
N TYR A 283 -28.60 20.12 -27.22
CA TYR A 283 -29.79 19.49 -27.82
C TYR A 283 -29.39 18.71 -29.09
N LEU A 284 -28.31 19.12 -29.77
CA LEU A 284 -27.75 18.48 -30.99
C LEU A 284 -27.45 16.99 -30.76
N TYR A 285 -27.18 16.57 -29.51
CA TYR A 285 -26.72 15.21 -29.12
C TYR A 285 -27.67 14.55 -28.12
N HIS A 286 -28.22 15.31 -27.17
CA HIS A 286 -29.12 14.82 -26.09
C HIS A 286 -30.58 15.13 -26.44
N GLY A 287 -30.84 15.75 -27.59
CA GLY A 287 -32.19 16.17 -28.03
C GLY A 287 -32.73 17.32 -27.20
N PHE A 288 -33.94 17.79 -27.53
CA PHE A 288 -34.64 18.87 -26.80
C PHE A 288 -35.87 18.29 -26.08
N ASP A 289 -35.81 18.27 -24.74
CA ASP A 289 -36.96 17.96 -23.86
C ASP A 289 -37.94 19.13 -23.94
N PRO A 290 -39.11 18.98 -24.58
CA PRO A 290 -39.99 20.13 -24.86
C PRO A 290 -40.74 20.66 -23.64
N ALA A 291 -40.67 19.94 -22.50
CA ALA A 291 -41.25 20.33 -21.20
C ALA A 291 -40.20 21.09 -20.36
N THR A 292 -39.17 21.65 -21.01
CA THR A 292 -38.07 22.43 -20.38
C THR A 292 -37.84 23.74 -21.15
N VAL A 293 -38.90 24.51 -21.42
CA VAL A 293 -38.82 25.82 -22.12
C VAL A 293 -38.84 26.93 -21.05
N ASN A 294 -39.73 26.80 -20.06
CA ASN A 294 -39.80 27.65 -18.85
C ASN A 294 -38.87 27.08 -17.76
N PHE A 295 -37.67 26.65 -18.16
CA PHE A 295 -36.60 26.04 -17.30
C PHE A 295 -35.34 26.89 -17.42
N PRO A 296 -34.73 27.32 -16.30
CA PRO A 296 -33.58 28.24 -16.35
C PRO A 296 -32.30 27.63 -16.92
N PRO A 297 -31.31 28.46 -17.36
CA PRO A 297 -30.05 27.96 -17.92
C PRO A 297 -28.90 27.71 -16.92
N HIS A 298 -29.05 28.12 -15.66
CA HIS A 298 -28.05 27.95 -14.56
C HIS A 298 -28.70 27.30 -13.35
N ASN A 299 -27.87 26.74 -12.45
CA ASN A 299 -28.28 25.99 -11.23
C ASN A 299 -27.32 26.31 -10.07
N LYS A 305 -22.56 19.56 -1.88
CA LYS A 305 -21.76 18.43 -1.35
C LYS A 305 -22.68 17.24 -1.05
N MET A 306 -22.22 16.03 -1.34
CA MET A 306 -22.99 14.77 -1.19
C MET A 306 -22.01 13.60 -1.01
N GLU A 307 -22.17 12.81 0.05
CA GLU A 307 -21.28 11.67 0.40
C GLU A 307 -21.28 10.63 -0.73
N VAL A 308 -20.14 9.98 -0.95
CA VAL A 308 -19.84 9.14 -2.14
C VAL A 308 -19.04 7.91 -1.69
N VAL A 309 -19.06 6.85 -2.51
CA VAL A 309 -18.29 5.60 -2.30
C VAL A 309 -17.31 5.45 -3.47
N ASN A 310 -16.03 5.35 -3.16
CA ASN A 310 -14.94 4.99 -4.12
C ASN A 310 -15.40 3.72 -4.86
N GLN A 311 -15.43 3.74 -6.20
CA GLN A 311 -16.01 2.65 -7.03
C GLN A 311 -15.34 1.31 -6.72
N ARG A 312 -14.03 1.32 -6.45
CA ARG A 312 -13.24 0.07 -6.27
C ARG A 312 -13.72 -0.69 -5.03
N ASP A 313 -14.35 0.01 -4.07
CA ASP A 313 -14.71 -0.54 -2.72
C ASP A 313 -16.22 -0.73 -2.59
N ALA A 314 -17.01 -0.30 -3.59
CA ALA A 314 -18.49 -0.37 -3.56
C ALA A 314 -18.93 -1.82 -3.28
N GLU A 315 -18.29 -2.79 -3.93
CA GLU A 315 -18.70 -4.22 -3.93
C GLU A 315 -18.52 -4.81 -2.53
N LEU A 316 -17.60 -4.29 -1.71
CA LEU A 316 -17.35 -4.77 -0.32
C LEU A 316 -18.28 -4.04 0.66
N LEU A 317 -18.54 -2.74 0.43
CA LEU A 317 -19.57 -1.96 1.17
C LEU A 317 -20.93 -2.62 0.99
N PHE A 318 -21.21 -3.13 -0.20
CA PHE A 318 -22.41 -3.92 -0.58
C PHE A 318 -22.45 -5.26 0.15
N MET A 319 -21.36 -6.04 0.09
CA MET A 319 -21.28 -7.38 0.74
C MET A 319 -21.41 -7.22 2.27
N TRP A 320 -20.85 -6.15 2.83
CA TRP A 320 -20.89 -5.81 4.28
C TRP A 320 -22.30 -5.39 4.67
N GLN A 321 -22.85 -4.37 4.00
CA GLN A 321 -24.25 -3.89 4.16
C GLN A 321 -25.22 -5.09 4.14
N MET A 322 -24.88 -6.17 3.42
CA MET A 322 -25.63 -7.45 3.39
C MET A 322 -25.37 -8.25 4.68
N TYR A 323 -24.10 -8.30 5.09
CA TYR A 323 -23.62 -9.01 6.33
C TYR A 323 -24.33 -8.45 7.57
N GLN A 324 -24.56 -7.13 7.59
CA GLN A 324 -25.20 -6.40 8.71
C GLN A 324 -26.73 -6.57 8.64
N ARG A 325 -27.25 -7.03 7.50
CA ARG A 325 -28.68 -7.41 7.31
C ARG A 325 -28.83 -8.93 7.41
N SER A 326 -28.13 -9.56 8.34
CA SER A 326 -28.33 -10.98 8.73
C SER A 326 -28.01 -11.20 10.22
N ASN A 327 -28.01 -10.11 11.02
CA ASN A 327 -27.55 -10.08 12.43
C ASN A 327 -28.49 -10.96 13.28
N GLN A 329 -30.57 -13.91 11.56
CA GLN A 329 -30.71 -14.73 10.32
C GLN A 329 -29.36 -15.37 9.99
N PRO A 330 -29.03 -16.53 10.60
CA PRO A 330 -27.75 -17.19 10.36
C PRO A 330 -27.77 -18.02 9.06
N GLU A 331 -26.76 -18.88 8.86
CA GLU A 331 -26.71 -19.94 7.81
C GLU A 331 -26.45 -19.29 6.44
N LYS A 332 -27.21 -18.25 6.10
CA LYS A 332 -26.98 -17.37 4.93
C LYS A 332 -26.01 -16.24 5.34
N LYS A 333 -26.06 -15.80 6.60
CA LYS A 333 -25.14 -14.77 7.18
C LYS A 333 -23.69 -15.24 7.03
N THR A 334 -23.39 -16.50 7.36
CA THR A 334 -22.01 -17.07 7.30
C THR A 334 -21.56 -17.16 5.84
N HIS A 335 -22.50 -17.39 4.90
CA HIS A 335 -22.22 -17.49 3.45
C HIS A 335 -21.84 -16.11 2.87
N ILE A 336 -22.30 -15.02 3.48
CA ILE A 336 -21.89 -13.62 3.11
C ILE A 336 -20.41 -13.45 3.46
N LEU A 337 -19.98 -13.93 4.64
CA LEU A 337 -18.58 -13.83 5.13
C LEU A 337 -17.70 -14.84 4.39
N GLU A 338 -18.28 -15.95 3.93
CA GLU A 338 -17.61 -16.95 3.06
C GLU A 338 -17.20 -16.25 1.75
N GLN A 339 -18.05 -15.35 1.23
CA GLN A 339 -17.81 -14.60 -0.04
C GLN A 339 -16.82 -13.46 0.22
N ILE A 340 -17.13 -12.58 1.18
CA ILE A 340 -16.29 -11.41 1.55
C ILE A 340 -14.82 -11.85 1.61
N THR A 341 -14.53 -12.95 2.32
CA THR A 341 -13.14 -13.43 2.57
C THR A 341 -12.56 -13.99 1.27
N GLU A 342 -13.33 -14.81 0.55
CA GLU A 342 -12.93 -15.39 -0.77
C GLU A 342 -12.59 -14.25 -1.74
N THR A 343 -13.41 -13.19 -1.75
CA THR A 343 -13.19 -11.95 -2.54
C THR A 343 -11.86 -11.29 -2.14
N VAL A 344 -11.71 -10.89 -0.88
CA VAL A 344 -10.48 -10.23 -0.35
C VAL A 344 -9.28 -11.17 -0.61
N LYS A 345 -9.41 -12.45 -0.28
CA LYS A 345 -8.30 -13.45 -0.39
C LYS A 345 -7.68 -13.33 -1.79
N HIS A 346 -8.52 -13.30 -2.83
CA HIS A 346 -8.09 -13.24 -4.25
C HIS A 346 -7.56 -11.84 -4.59
N ARG A 347 -8.19 -10.80 -4.07
CA ARG A 347 -7.75 -9.38 -4.23
C ARG A 347 -6.32 -9.22 -3.65
N ASN A 348 -6.00 -9.88 -2.54
CA ASN A 348 -4.62 -9.91 -1.98
C ASN A 348 -3.70 -10.76 -2.87
N HIS A 349 -4.18 -11.88 -3.41
CA HIS A 349 -3.36 -12.72 -4.31
C HIS A 349 -2.84 -11.84 -5.44
N LEU A 350 -3.73 -11.10 -6.11
CA LEU A 350 -3.39 -10.30 -7.31
C LEU A 350 -2.36 -9.24 -6.92
N ASP A 351 -2.75 -8.34 -6.00
CA ASP A 351 -1.88 -7.27 -5.43
C ASP A 351 -0.52 -7.90 -5.11
N GLY A 352 -0.53 -9.01 -4.37
CA GLY A 352 0.66 -9.79 -3.96
C GLY A 352 1.45 -10.28 -5.17
N SER A 353 0.79 -10.94 -6.12
CA SER A 353 1.42 -11.53 -7.33
C SER A 353 2.17 -10.44 -8.10
N VAL A 354 1.52 -9.29 -8.31
CA VAL A 354 2.04 -8.15 -9.12
C VAL A 354 3.34 -7.64 -8.48
N GLU A 355 3.31 -7.36 -7.17
CA GLU A 355 4.51 -6.94 -6.40
C GLU A 355 5.65 -7.92 -6.67
N LEU A 356 5.40 -9.22 -6.46
CA LEU A 356 6.47 -10.27 -6.50
C LEU A 356 7.07 -10.33 -7.91
N ILE A 357 6.23 -10.28 -8.95
CA ILE A 357 6.68 -10.31 -10.38
C ILE A 357 7.62 -9.13 -10.62
N GLY A 358 7.31 -7.97 -10.05
CA GLY A 358 8.13 -6.75 -10.19
C GLY A 358 9.47 -6.87 -9.47
N VAL A 359 9.53 -7.70 -8.44
CA VAL A 359 10.76 -7.95 -7.61
C VAL A 359 11.65 -8.97 -8.33
N LEU A 360 11.06 -9.84 -9.16
CA LEU A 360 11.79 -10.91 -9.89
C LEU A 360 12.30 -10.34 -11.23
N LEU A 361 11.65 -9.29 -11.73
CA LEU A 361 12.02 -8.63 -13.02
C LEU A 361 13.08 -7.56 -12.78
N TYR A 362 12.92 -6.73 -11.74
CA TYR A 362 13.65 -5.45 -11.54
C TYR A 362 14.40 -5.39 -10.21
N GLY A 363 14.18 -6.35 -9.30
CA GLY A 363 14.79 -6.36 -7.96
C GLY A 363 14.03 -5.45 -7.01
N PRO A 364 14.25 -5.55 -5.67
CA PRO A 364 13.44 -4.84 -4.68
C PRO A 364 13.61 -3.32 -4.69
N GLY A 365 14.72 -2.80 -5.22
CA GLY A 365 15.04 -1.36 -5.29
C GLY A 365 14.13 -0.65 -6.29
N LYS A 366 14.14 -1.10 -7.56
CA LYS A 366 13.35 -0.53 -8.68
C LYS A 366 11.88 -0.95 -8.57
N SER A 367 11.61 -2.26 -8.63
CA SER A 367 10.27 -2.92 -8.73
C SER A 367 9.11 -1.94 -8.58
N SER A 368 8.91 -1.39 -7.38
CA SER A 368 7.75 -0.52 -7.06
C SER A 368 7.72 0.70 -8.00
N SER A 369 8.78 1.50 -7.99
CA SER A 369 8.94 2.70 -8.86
C SER A 369 8.61 2.34 -10.31
N VAL A 370 9.01 1.16 -10.80
CA VAL A 370 8.84 0.75 -12.22
C VAL A 370 7.37 0.41 -12.48
N LEU A 371 6.83 -0.53 -11.70
CA LEU A 371 5.43 -1.02 -11.78
C LEU A 371 4.45 0.15 -11.73
N HIS A 372 4.62 1.05 -10.75
CA HIS A 372 3.53 1.96 -10.31
C HIS A 372 3.75 3.40 -10.80
N SER A 373 4.85 3.67 -11.50
CA SER A 373 5.19 5.04 -11.98
C SER A 373 4.09 5.50 -12.94
N VAL A 374 3.59 6.72 -12.76
CA VAL A 374 2.53 7.32 -13.61
C VAL A 374 3.20 8.30 -14.56
N ARG A 375 3.18 8.02 -15.85
CA ARG A 375 3.61 8.98 -16.89
C ARG A 375 2.86 10.31 -16.68
N ALA A 376 3.42 11.41 -17.17
CA ALA A 376 2.79 12.76 -17.15
C ALA A 376 1.64 12.78 -18.17
N PRO A 377 0.63 13.65 -17.96
CA PRO A 377 -0.49 13.78 -18.90
C PRO A 377 -0.08 13.86 -20.38
N GLY A 378 -1.04 13.60 -21.28
CA GLY A 378 -0.86 13.64 -22.74
C GLY A 378 0.12 12.60 -23.23
N LEU A 379 0.58 11.69 -22.37
CA LEU A 379 1.43 10.53 -22.77
C LEU A 379 0.56 9.28 -22.79
N PRO A 380 0.74 8.37 -23.77
CA PRO A 380 -0.01 7.11 -23.80
C PRO A 380 0.40 6.26 -22.59
N LEU A 381 -0.53 5.47 -22.06
CA LEU A 381 -0.26 4.55 -20.93
C LEU A 381 0.82 3.56 -21.37
N VAL A 382 0.66 3.00 -22.57
CA VAL A 382 1.56 1.96 -23.14
C VAL A 382 1.95 2.38 -24.56
N ASP A 383 3.15 1.99 -25.01
CA ASP A 383 3.63 2.25 -26.39
C ASP A 383 3.12 1.11 -27.27
N ASP A 384 3.27 -0.13 -26.81
CA ASP A 384 2.85 -1.38 -27.51
C ASP A 384 1.63 -1.98 -26.81
N TRP A 385 0.44 -1.86 -27.40
CA TRP A 385 -0.83 -2.37 -26.82
C TRP A 385 -0.92 -3.90 -26.94
N THR A 386 -0.54 -4.45 -28.10
CA THR A 386 -0.50 -5.92 -28.36
C THR A 386 0.39 -6.59 -27.30
N CYS A 387 1.42 -5.90 -26.82
CA CYS A 387 2.31 -6.37 -25.72
C CYS A 387 1.55 -6.38 -24.39
N LEU A 388 0.87 -5.28 -24.05
CA LEU A 388 -0.01 -5.19 -22.85
C LEU A 388 -0.92 -6.41 -22.86
N LYS A 389 -1.65 -6.63 -23.95
CA LYS A 389 -2.61 -7.76 -24.11
C LYS A 389 -1.91 -9.08 -23.78
N SER A 390 -0.72 -9.32 -24.35
CA SER A 390 0.05 -10.59 -24.15
C SER A 390 0.42 -10.76 -22.68
N MET A 391 0.93 -9.72 -22.03
CA MET A 391 1.40 -9.77 -20.61
C MET A 391 0.21 -10.10 -19.69
N VAL A 392 -0.97 -9.55 -19.98
CA VAL A 392 -2.23 -9.82 -19.22
C VAL A 392 -2.55 -11.32 -19.33
N ARG A 393 -2.37 -11.89 -20.52
CA ARG A 393 -2.66 -13.32 -20.80
C ARG A 393 -1.64 -14.20 -20.07
N VAL A 394 -0.35 -13.86 -20.12
CA VAL A 394 0.72 -14.63 -19.41
C VAL A 394 0.37 -14.66 -17.92
N PHE A 395 0.10 -13.49 -17.33
CA PHE A 395 -0.28 -13.33 -15.91
C PHE A 395 -1.47 -14.24 -15.58
N GLU A 396 -2.55 -14.12 -16.35
CA GLU A 396 -3.87 -14.75 -16.03
C GLU A 396 -3.72 -16.28 -16.09
N THR A 397 -2.92 -16.78 -17.03
CA THR A 397 -2.66 -18.24 -17.23
C THR A 397 -2.09 -18.82 -15.94
N HIS A 398 -1.11 -18.14 -15.33
CA HIS A 398 -0.29 -18.65 -14.19
C HIS A 398 -0.84 -18.22 -12.83
N CYS A 399 -1.57 -17.09 -12.77
CA CYS A 399 -1.92 -16.40 -11.49
C CYS A 399 -3.44 -16.31 -11.26
N GLY A 400 -4.27 -16.46 -12.31
CA GLY A 400 -5.74 -16.44 -12.20
C GLY A 400 -6.36 -15.23 -12.88
N SER A 401 -7.69 -15.22 -13.00
CA SER A 401 -8.48 -14.15 -13.68
C SER A 401 -8.35 -12.83 -12.91
N LEU A 402 -7.96 -11.76 -13.61
CA LEU A 402 -7.84 -10.40 -13.00
C LEU A 402 -9.21 -10.01 -12.43
N THR A 403 -10.29 -10.42 -13.07
CA THR A 403 -11.67 -9.95 -12.78
C THR A 403 -11.69 -8.43 -13.00
N GLN A 404 -12.83 -7.77 -12.80
CA GLN A 404 -12.93 -6.31 -12.99
C GLN A 404 -12.03 -5.60 -11.97
N TYR A 405 -11.84 -6.19 -10.79
CA TYR A 405 -10.93 -5.63 -9.76
C TYR A 405 -9.52 -5.46 -10.32
N GLY A 406 -9.03 -6.49 -11.01
CA GLY A 406 -7.62 -6.56 -11.46
C GLY A 406 -7.30 -5.60 -12.59
N MET A 407 -8.28 -4.85 -13.09
CA MET A 407 -8.06 -3.81 -14.13
C MET A 407 -7.16 -2.72 -13.56
N LYS A 408 -7.15 -2.55 -12.23
CA LYS A 408 -6.28 -1.57 -11.50
C LYS A 408 -4.80 -1.87 -11.74
N HIS A 409 -4.44 -3.12 -12.08
CA HIS A 409 -3.03 -3.59 -12.26
C HIS A 409 -2.57 -3.34 -13.69
N MET A 410 -3.38 -2.65 -14.52
CA MET A 410 -3.12 -2.55 -15.97
C MET A 410 -1.93 -1.63 -16.24
N ARG A 411 -1.67 -0.64 -15.36
CA ARG A 411 -0.51 0.29 -15.48
C ARG A 411 0.78 -0.45 -15.13
N ALA A 412 0.74 -1.29 -14.11
CA ALA A 412 1.82 -2.24 -13.77
C ALA A 412 2.20 -3.00 -15.05
N PHE A 413 1.25 -3.70 -15.68
CA PHE A 413 1.51 -4.51 -16.91
C PHE A 413 1.96 -3.58 -18.04
N GLY A 414 1.31 -2.42 -18.16
CA GLY A 414 1.71 -1.36 -19.09
C GLY A 414 3.16 -0.96 -18.89
N ASN A 415 3.58 -0.84 -17.62
CA ASN A 415 4.94 -0.40 -17.22
C ASN A 415 5.95 -1.54 -17.45
N VAL A 416 5.51 -2.81 -17.38
CA VAL A 416 6.38 -3.99 -17.68
C VAL A 416 6.68 -4.01 -19.19
N CYS A 417 5.67 -3.82 -20.03
CA CYS A 417 5.82 -3.71 -21.51
C CYS A 417 6.80 -2.58 -21.86
N ASN A 418 6.60 -1.40 -21.25
CA ASN A 418 7.34 -0.14 -21.52
C ASN A 418 8.80 -0.28 -21.12
N SER A 419 9.14 -1.27 -20.30
CA SER A 419 10.53 -1.59 -19.88
C SER A 419 11.10 -2.75 -20.71
N GLY A 420 10.63 -2.92 -21.96
CA GLY A 420 11.18 -3.90 -22.93
C GLY A 420 11.53 -5.22 -22.30
N VAL A 421 10.60 -5.78 -21.50
CA VAL A 421 10.70 -7.13 -20.86
C VAL A 421 10.16 -8.17 -21.83
N SER A 422 10.73 -9.38 -21.82
CA SER A 422 10.33 -10.50 -22.70
C SER A 422 9.11 -11.22 -22.11
N LYS A 423 8.18 -11.63 -22.98
CA LYS A 423 7.13 -12.63 -22.67
C LYS A 423 7.78 -13.75 -21.85
N ALA A 424 8.94 -14.23 -22.30
CA ALA A 424 9.72 -15.36 -21.73
C ALA A 424 10.03 -15.11 -20.25
N SER A 425 10.52 -13.92 -19.89
CA SER A 425 10.96 -13.56 -18.52
C SER A 425 9.72 -13.22 -17.66
N MET A 426 8.72 -12.56 -18.26
CA MET A 426 7.38 -12.34 -17.65
C MET A 426 6.77 -13.70 -17.28
N GLU A 427 6.89 -14.69 -18.18
CA GLU A 427 6.36 -16.07 -17.98
C GLU A 427 7.14 -16.75 -16.84
N GLU A 428 8.45 -16.49 -16.74
CA GLU A 428 9.35 -17.06 -15.70
C GLU A 428 8.96 -16.47 -14.33
N ALA A 429 8.80 -15.15 -14.26
CA ALA A 429 8.44 -14.38 -13.05
C ALA A 429 7.08 -14.85 -12.50
N CYS A 430 6.05 -14.90 -13.34
CA CYS A 430 4.66 -15.35 -12.98
C CYS A 430 4.67 -16.78 -12.44
N LYS A 431 5.36 -17.69 -13.13
CA LYS A 431 5.42 -19.14 -12.79
C LYS A 431 5.90 -19.30 -11.36
N ALA A 432 7.02 -18.65 -11.00
CA ALA A 432 7.63 -18.63 -9.64
C ALA A 432 6.71 -17.87 -8.66
N ALA A 433 6.13 -16.76 -9.13
CA ALA A 433 5.22 -15.89 -8.34
C ALA A 433 3.98 -16.67 -7.91
N CYS A 434 3.37 -17.45 -8.81
CA CYS A 434 2.01 -18.02 -8.60
C CYS A 434 2.00 -19.55 -8.61
N GLY A 435 3.06 -20.18 -9.12
CA GLY A 435 3.26 -21.64 -8.99
C GLY A 435 2.77 -22.13 -7.64
N GLY A 436 1.78 -23.01 -7.63
CA GLY A 436 1.26 -23.62 -6.40
C GLY A 436 0.01 -22.94 -5.89
N TYR A 437 -0.19 -21.64 -6.18
CA TYR A 437 -1.37 -20.91 -5.68
C TYR A 437 -2.64 -21.48 -6.32
N ASP A 438 -3.69 -21.68 -5.51
CA ASP A 438 -4.97 -22.35 -5.88
C ASP A 438 -6.05 -21.27 -5.97
N ALA A 439 -6.34 -20.78 -7.19
CA ALA A 439 -7.34 -19.72 -7.45
C ALA A 439 -8.74 -20.31 -7.61
N GLY A 440 -8.93 -21.59 -7.26
CA GLY A 440 -10.20 -22.33 -7.45
C GLY A 440 -10.58 -22.40 -8.91
N LEU A 441 -11.74 -21.83 -9.27
CA LEU A 441 -12.29 -21.77 -10.65
C LEU A 441 -11.99 -20.42 -11.31
N LEU A 442 -11.22 -19.54 -10.66
CA LEU A 442 -10.90 -18.19 -11.20
C LEU A 442 -9.65 -18.28 -12.09
N TYR A 443 -9.69 -19.14 -13.11
CA TYR A 443 -8.64 -19.26 -14.16
C TYR A 443 -9.26 -18.92 -15.51
N PRO A 444 -8.49 -18.35 -16.46
CA PRO A 444 -9.01 -17.97 -17.78
C PRO A 444 -9.65 -19.12 -18.57
N SER A 445 -9.22 -20.37 -18.30
CA SER A 445 -9.81 -21.61 -18.86
C SER A 445 -11.30 -21.70 -18.51
N ASN A 446 -11.69 -21.16 -17.36
CA ASN A 446 -13.10 -21.10 -16.87
C ASN A 446 -13.77 -19.77 -17.25
N THR A 447 -13.11 -18.64 -16.94
CA THR A 447 -13.71 -17.27 -16.99
C THR A 447 -13.50 -16.59 -18.35
N GLY A 448 -12.62 -17.12 -19.21
CA GLY A 448 -12.09 -16.40 -20.40
C GLY A 448 -11.03 -15.39 -20.02
N TYR A 449 -10.00 -15.21 -20.87
CA TYR A 449 -8.88 -14.24 -20.67
C TYR A 449 -9.42 -12.80 -20.77
N SER A 450 -8.92 -11.92 -19.90
CA SER A 450 -9.34 -10.50 -19.77
C SER A 450 -8.97 -9.69 -21.02
N ALA A 451 -8.07 -10.21 -21.89
CA ALA A 451 -7.61 -9.57 -23.15
C ALA A 451 -7.53 -10.58 -24.30
N GLY B 14 31.38 8.25 40.36
CA GLY B 14 31.58 6.78 40.52
C GLY B 14 32.22 6.14 39.31
N THR B 15 31.59 5.10 38.74
CA THR B 15 32.12 4.31 37.59
C THR B 15 31.07 4.24 36.49
N ARG B 16 31.52 4.05 35.25
CA ARG B 16 30.66 3.91 34.04
C ARG B 16 30.43 2.43 33.73
N TRP B 17 29.16 2.01 33.68
CA TRP B 17 28.72 0.74 33.04
C TRP B 17 28.09 1.06 31.68
N ALA B 18 27.93 0.06 30.82
CA ALA B 18 27.27 0.18 29.49
C ALA B 18 26.69 -1.19 29.08
N VAL B 19 25.48 -1.18 28.53
CA VAL B 19 24.84 -2.32 27.82
C VAL B 19 24.90 -2.02 26.32
N LEU B 20 25.37 -2.96 25.51
CA LEU B 20 25.28 -2.89 24.03
C LEU B 20 24.48 -4.09 23.54
N VAL B 21 23.45 -3.88 22.70
CA VAL B 21 22.53 -4.94 22.21
C VAL B 21 22.39 -4.86 20.69
N ALA B 22 22.67 -5.95 19.98
CA ALA B 22 22.27 -6.18 18.57
C ALA B 22 21.07 -7.13 18.57
N GLY B 23 19.90 -6.66 18.14
CA GLY B 23 18.64 -7.42 18.16
C GLY B 23 18.41 -8.25 16.91
N SER B 24 19.44 -8.43 16.07
CA SER B 24 19.36 -8.98 14.69
C SER B 24 20.19 -10.25 14.55
N ASN B 25 20.14 -10.86 13.35
CA ASN B 25 20.76 -12.15 12.97
C ASN B 25 21.08 -12.12 11.47
N GLY B 26 22.01 -12.95 11.00
CA GLY B 26 22.28 -13.16 9.56
C GLY B 26 23.13 -12.04 8.98
N TYR B 27 23.89 -12.34 7.92
CA TYR B 27 24.93 -11.45 7.33
C TYR B 27 24.25 -10.20 6.76
N GLY B 28 22.97 -10.30 6.38
CA GLY B 28 22.11 -9.17 5.99
C GLY B 28 22.13 -8.04 7.03
N ASN B 29 22.17 -8.38 8.32
CA ASN B 29 22.12 -7.42 9.46
C ASN B 29 23.49 -7.35 10.15
N TYR B 30 24.56 -7.43 9.34
CA TYR B 30 25.99 -7.21 9.69
C TYR B 30 26.11 -5.90 10.47
N ARG B 31 25.43 -4.86 9.98
CA ARG B 31 25.54 -3.45 10.46
C ARG B 31 25.21 -3.37 11.95
N HIS B 32 24.15 -4.03 12.41
CA HIS B 32 23.68 -3.95 13.82
C HIS B 32 24.77 -4.51 14.74
N GLN B 33 25.38 -5.64 14.37
CA GLN B 33 26.47 -6.27 15.17
C GLN B 33 27.75 -5.45 15.01
N ALA B 34 28.02 -4.92 13.80
CA ALA B 34 29.11 -3.93 13.58
C ALA B 34 28.91 -2.74 14.52
N ASP B 35 27.73 -2.12 14.48
CA ASP B 35 27.35 -0.96 15.33
C ASP B 35 27.74 -1.25 16.79
N VAL B 36 27.26 -2.34 17.41
CA VAL B 36 27.55 -2.59 18.85
C VAL B 36 29.04 -2.94 19.02
N CYS B 37 29.71 -3.47 18.00
CA CYS B 37 31.17 -3.79 18.09
C CYS B 37 31.96 -2.48 18.14
N HIS B 38 31.72 -1.59 17.18
CA HIS B 38 32.28 -0.21 17.14
C HIS B 38 32.04 0.47 18.50
N ALA B 39 30.81 0.43 19.01
CA ALA B 39 30.42 1.05 20.29
C ALA B 39 31.35 0.56 21.41
N TYR B 40 31.55 -0.75 21.53
CA TYR B 40 32.44 -1.35 22.56
C TYR B 40 33.80 -0.64 22.53
N GLN B 41 34.40 -0.49 21.35
CA GLN B 41 35.76 0.07 21.13
C GLN B 41 35.84 1.52 21.63
N LEU B 42 34.83 2.36 21.35
CA LEU B 42 34.79 3.78 21.83
C LEU B 42 34.95 3.77 23.35
N LEU B 43 34.15 2.95 24.03
CA LEU B 43 34.07 2.88 25.51
C LEU B 43 35.40 2.32 26.07
N ILE B 44 36.03 1.41 25.33
CA ILE B 44 37.40 0.89 25.63
C ILE B 44 38.41 2.04 25.46
N LYS B 45 38.49 2.64 24.27
CA LYS B 45 39.40 3.80 24.00
C LYS B 45 39.11 4.91 25.02
N GLY B 46 37.92 4.92 25.62
CA GLY B 46 37.43 6.01 26.49
C GLY B 46 37.68 5.76 27.97
N GLY B 47 38.16 4.57 28.36
CA GLY B 47 38.51 4.24 29.75
C GLY B 47 37.34 3.64 30.52
N VAL B 48 36.32 3.15 29.79
CA VAL B 48 35.27 2.23 30.33
C VAL B 48 35.90 0.84 30.30
N LYS B 49 35.83 0.11 31.42
CA LYS B 49 36.52 -1.20 31.59
C LYS B 49 35.58 -2.32 31.13
N GLU B 50 36.11 -3.27 30.35
CA GLU B 50 35.40 -4.48 29.83
C GLU B 50 34.63 -5.15 30.99
N GLU B 51 35.21 -5.16 32.19
CA GLU B 51 34.52 -5.64 33.41
C GLU B 51 33.06 -5.18 33.37
N ASN B 52 32.83 -3.90 33.09
CA ASN B 52 31.54 -3.18 33.26
C ASN B 52 30.80 -2.98 31.92
N ILE B 53 31.18 -3.72 30.86
CA ILE B 53 30.48 -3.68 29.54
C ILE B 53 29.92 -5.07 29.24
N VAL B 54 28.59 -5.19 29.11
CA VAL B 54 27.90 -6.47 28.81
C VAL B 54 27.32 -6.41 27.38
N VAL B 55 28.09 -6.89 26.40
CA VAL B 55 27.75 -6.93 24.95
C VAL B 55 26.84 -8.12 24.65
N PHE B 56 25.55 -7.87 24.39
CA PHE B 56 24.63 -8.80 23.67
C PHE B 56 24.91 -8.71 22.17
N MET B 57 24.95 -9.85 21.49
CA MET B 57 25.07 -9.92 20.01
C MET B 57 25.02 -11.40 19.62
N TYR B 58 24.19 -11.77 18.64
CA TYR B 58 23.98 -13.19 18.22
C TYR B 58 25.36 -13.83 17.96
N ASP B 59 26.26 -13.06 17.33
CA ASP B 59 27.70 -13.39 17.15
C ASP B 59 27.82 -14.39 15.99
N ASP B 60 27.28 -14.05 14.82
CA ASP B 60 27.24 -14.94 13.62
C ASP B 60 27.74 -14.19 12.39
N ILE B 61 28.67 -13.23 12.59
CA ILE B 61 29.13 -12.27 11.55
C ILE B 61 30.64 -12.45 11.30
N ALA B 62 31.42 -12.56 12.38
CA ALA B 62 32.89 -12.82 12.36
C ALA B 62 33.23 -14.02 11.46
N TYR B 63 32.59 -15.16 11.70
CA TYR B 63 32.89 -16.44 10.99
C TYR B 63 31.68 -16.88 10.15
N ASN B 64 30.96 -15.92 9.55
CA ASN B 64 29.92 -16.20 8.52
C ASN B 64 30.66 -16.59 7.24
N ALA B 65 30.26 -17.70 6.62
CA ALA B 65 30.83 -18.23 5.36
C ALA B 65 30.93 -17.10 4.32
N MET B 66 30.05 -16.09 4.42
CA MET B 66 29.92 -14.97 3.45
C MET B 66 30.80 -13.77 3.85
N ASN B 67 31.41 -13.81 5.05
CA ASN B 67 32.35 -12.75 5.52
C ASN B 67 33.66 -12.89 4.74
N PRO B 68 34.02 -11.91 3.87
CA PRO B 68 35.26 -12.00 3.09
C PRO B 68 36.52 -11.75 3.92
N ARG B 69 36.37 -11.21 5.13
CA ARG B 69 37.45 -11.07 6.16
C ARG B 69 37.03 -11.86 7.40
N PRO B 70 37.31 -13.18 7.48
CA PRO B 70 36.97 -13.97 8.66
C PRO B 70 37.67 -13.49 9.94
N GLY B 71 36.92 -13.40 11.05
CA GLY B 71 37.38 -12.90 12.37
C GLY B 71 37.28 -11.37 12.51
N VAL B 72 36.95 -10.65 11.43
CA VAL B 72 36.99 -9.15 11.35
C VAL B 72 35.60 -8.59 10.99
N ILE B 73 35.07 -7.71 11.85
CA ILE B 73 33.89 -6.83 11.58
C ILE B 73 34.37 -5.39 11.50
N ILE B 74 33.87 -4.59 10.54
CA ILE B 74 34.17 -3.13 10.41
C ILE B 74 32.84 -2.34 10.45
N ASN B 75 32.92 -1.02 10.66
CA ASN B 75 31.75 -0.11 10.82
C ASN B 75 32.02 1.23 10.11
N HIS B 76 32.85 1.18 9.07
CA HIS B 76 33.28 2.32 8.20
C HIS B 76 33.97 1.72 6.98
N PRO B 77 33.80 2.28 5.76
CA PRO B 77 34.43 1.71 4.57
C PRO B 77 35.94 1.46 4.75
N GLN B 78 36.63 2.35 5.48
CA GLN B 78 38.11 2.33 5.75
C GLN B 78 38.40 1.96 7.21
N GLY B 79 37.38 1.87 8.07
CA GLY B 79 37.53 1.73 9.52
C GLY B 79 38.31 0.47 9.88
N PRO B 80 38.96 0.43 11.07
CA PRO B 80 39.63 -0.78 11.56
C PRO B 80 38.67 -1.86 12.04
N ASP B 81 39.19 -3.03 12.43
CA ASP B 81 38.40 -4.10 13.10
C ASP B 81 37.87 -3.56 14.44
N VAL B 82 36.63 -3.90 14.79
CA VAL B 82 35.98 -3.55 16.07
C VAL B 82 35.62 -4.84 16.84
N TYR B 83 35.90 -6.00 16.24
CA TYR B 83 35.59 -7.34 16.82
C TYR B 83 36.61 -7.69 17.89
N ALA B 84 37.90 -7.77 17.51
CA ALA B 84 39.04 -8.06 18.41
C ALA B 84 38.81 -7.39 19.77
N GLY B 85 38.29 -8.15 20.75
CA GLY B 85 38.17 -7.73 22.16
C GLY B 85 36.75 -7.79 22.67
N VAL B 86 35.77 -8.02 21.79
CA VAL B 86 34.32 -7.95 22.18
C VAL B 86 33.99 -9.21 22.98
N PRO B 87 33.62 -9.07 24.28
CA PRO B 87 33.24 -10.23 25.09
C PRO B 87 31.95 -10.92 24.62
N LYS B 88 32.00 -12.24 24.48
CA LYS B 88 30.84 -13.11 24.15
C LYS B 88 29.96 -13.25 25.41
N ASP B 89 29.57 -12.11 26.01
CA ASP B 89 28.79 -12.07 27.28
C ASP B 89 27.52 -12.90 27.11
N TYR B 90 26.74 -12.57 26.07
CA TYR B 90 25.44 -13.20 25.73
C TYR B 90 25.30 -13.25 24.21
N THR B 91 25.56 -14.42 23.62
CA THR B 91 25.48 -14.68 22.16
C THR B 91 24.26 -15.56 21.88
N GLY B 92 24.08 -15.97 20.62
CA GLY B 92 23.08 -16.97 20.19
C GLY B 92 21.74 -16.75 20.88
N GLU B 93 21.04 -17.84 21.19
CA GLU B 93 19.61 -17.81 21.64
C GLU B 93 19.53 -17.25 23.08
N ASP B 94 20.62 -16.70 23.61
CA ASP B 94 20.68 -16.00 24.93
C ASP B 94 20.32 -14.52 24.76
N VAL B 95 20.28 -14.03 23.52
CA VAL B 95 19.96 -12.59 23.20
C VAL B 95 18.44 -12.43 23.40
N THR B 96 17.98 -12.48 24.65
CA THR B 96 16.53 -12.55 24.98
C THR B 96 16.16 -11.34 25.83
N PRO B 97 14.88 -10.90 25.81
CA PRO B 97 14.46 -9.77 26.63
C PRO B 97 14.54 -10.06 28.12
N GLU B 98 14.44 -11.35 28.50
CA GLU B 98 14.58 -11.79 29.92
C GLU B 98 15.99 -11.42 30.41
N ASN B 99 17.01 -11.87 29.68
CA ASN B 99 18.45 -11.69 30.01
C ASN B 99 18.80 -10.19 30.01
N LEU B 100 18.28 -9.43 29.05
CA LEU B 100 18.47 -7.96 28.98
C LEU B 100 17.96 -7.34 30.29
N TYR B 101 16.71 -7.61 30.65
CA TYR B 101 16.03 -7.06 31.85
C TYR B 101 16.80 -7.48 33.10
N ALA B 102 17.30 -8.71 33.14
CA ALA B 102 18.18 -9.22 34.21
C ALA B 102 19.51 -8.43 34.19
N VAL B 103 20.24 -8.49 33.07
CA VAL B 103 21.53 -7.79 32.87
C VAL B 103 21.41 -6.32 33.31
N ILE B 104 20.31 -5.65 32.96
CA ILE B 104 20.09 -4.22 33.32
C ILE B 104 19.94 -4.13 34.84
N LEU B 105 18.96 -4.84 35.42
CA LEU B 105 18.53 -4.68 36.84
C LEU B 105 19.71 -4.90 37.80
N GLY B 106 20.44 -6.00 37.63
CA GLY B 106 21.62 -6.35 38.44
C GLY B 106 21.41 -7.65 39.20
N ASP B 107 20.83 -8.65 38.55
CA ASP B 107 20.28 -9.88 39.18
C ASP B 107 20.74 -11.10 38.37
N LYS B 108 21.85 -11.72 38.79
CA LYS B 108 22.44 -12.92 38.14
C LYS B 108 21.57 -14.15 38.46
N SER B 109 20.68 -14.04 39.44
CA SER B 109 19.73 -15.11 39.85
C SER B 109 18.44 -15.03 39.03
N LYS B 110 18.46 -14.31 37.90
CA LYS B 110 17.35 -14.29 36.91
C LYS B 110 17.88 -14.37 35.47
N VAL B 111 19.19 -14.61 35.29
CA VAL B 111 19.84 -14.79 33.96
C VAL B 111 19.82 -16.28 33.59
N LYS B 112 19.42 -16.60 32.35
CA LYS B 112 19.58 -17.94 31.73
C LYS B 112 20.77 -17.89 30.78
N GLY B 113 21.67 -18.88 30.86
CA GLY B 113 22.89 -18.98 30.03
C GLY B 113 23.71 -17.71 30.09
N GLY B 114 24.62 -17.53 29.13
CA GLY B 114 25.54 -16.39 29.04
C GLY B 114 26.51 -16.36 30.22
N SER B 115 27.45 -15.41 30.21
CA SER B 115 28.59 -15.31 31.17
C SER B 115 28.24 -14.41 32.35
N GLY B 116 27.10 -14.65 33.01
CA GLY B 116 26.77 -14.22 34.39
C GLY B 116 26.87 -12.72 34.63
N LYS B 117 27.35 -11.92 33.65
CA LYS B 117 27.65 -10.47 33.77
C LYS B 117 26.35 -9.65 33.74
N VAL B 118 26.02 -8.98 34.86
CA VAL B 118 24.88 -8.04 34.97
C VAL B 118 25.46 -6.64 35.19
N ILE B 119 24.60 -5.65 35.43
CA ILE B 119 24.98 -4.24 35.80
C ILE B 119 24.71 -4.07 37.30
N ASN B 120 25.61 -4.60 38.14
CA ASN B 120 25.47 -4.60 39.63
C ASN B 120 25.96 -3.25 40.15
N SER B 121 25.38 -2.16 39.62
CA SER B 121 25.88 -0.76 39.75
C SER B 121 25.42 -0.14 41.06
N ASN B 122 26.11 0.91 41.51
CA ASN B 122 25.89 1.61 42.80
C ASN B 122 25.31 3.00 42.53
N PRO B 123 24.58 3.60 43.50
CA PRO B 123 23.91 4.89 43.31
C PRO B 123 24.72 6.08 42.74
N GLU B 124 26.05 5.96 42.63
CA GLU B 124 26.95 7.08 42.21
C GLU B 124 27.44 6.85 40.77
N ASP B 125 26.92 5.84 40.09
CA ASP B 125 27.40 5.36 38.76
C ASP B 125 26.51 5.88 37.63
N ARG B 126 27.02 5.83 36.40
CA ARG B 126 26.29 6.16 35.15
C ARG B 126 26.29 4.94 34.23
N ILE B 127 25.15 4.64 33.59
CA ILE B 127 25.00 3.53 32.61
C ILE B 127 24.64 4.12 31.25
N PHE B 128 25.26 3.61 30.18
CA PHE B 128 24.92 3.96 28.78
C PHE B 128 24.45 2.69 28.05
N ILE B 129 23.29 2.77 27.39
CA ILE B 129 22.67 1.65 26.64
C ILE B 129 22.59 2.04 25.16
N PHE B 130 23.12 1.19 24.27
CA PHE B 130 23.04 1.37 22.79
C PHE B 130 22.36 0.13 22.20
N TYR B 131 21.13 0.28 21.71
CA TYR B 131 20.36 -0.76 20.98
C TYR B 131 20.52 -0.54 19.48
N SER B 132 20.52 -1.62 18.69
CA SER B 132 20.70 -1.55 17.21
C SER B 132 20.15 -2.82 16.53
CA HIS B 134 15.03 -3.71 13.86
C HIS B 134 13.98 -3.36 14.92
N GLY B 135 12.97 -2.58 14.54
CA GLY B 135 11.88 -2.20 15.45
C GLY B 135 10.58 -1.92 14.72
N GLY B 136 9.47 -1.98 15.46
CA GLY B 136 8.15 -1.52 15.02
C GLY B 136 7.52 -0.63 16.09
N PRO B 137 6.24 -0.24 15.92
CA PRO B 137 5.51 0.49 16.96
C PRO B 137 5.49 -0.28 18.29
N GLY B 138 6.28 0.18 19.26
CA GLY B 138 6.29 -0.33 20.65
C GLY B 138 6.93 -1.71 20.76
N VAL B 139 7.76 -2.09 19.80
CA VAL B 139 8.40 -3.43 19.74
C VAL B 139 9.84 -3.25 19.20
N LEU B 140 10.81 -3.96 19.78
CA LEU B 140 12.23 -3.98 19.33
C LEU B 140 12.62 -5.42 19.04
N GLY B 141 13.33 -5.64 17.93
CA GLY B 141 13.79 -6.97 17.49
C GLY B 141 14.75 -7.61 18.49
N MET B 142 14.60 -8.91 18.68
CA MET B 142 15.64 -9.82 19.20
C MET B 142 15.78 -10.94 18.19
N PRO B 143 16.99 -11.47 17.93
CA PRO B 143 17.18 -12.47 16.87
C PRO B 143 16.07 -13.52 16.88
N ASN B 144 15.70 -13.99 18.08
CA ASN B 144 14.62 -14.99 18.29
C ASN B 144 13.50 -14.37 19.12
N ALA B 145 12.26 -14.67 18.75
CA ALA B 145 11.07 -14.45 19.59
C ALA B 145 11.40 -14.91 21.01
N PRO B 146 10.87 -14.27 22.07
CA PRO B 146 10.03 -13.09 21.94
C PRO B 146 10.84 -11.83 21.60
N PHE B 147 10.15 -10.74 21.28
CA PHE B 147 10.70 -9.38 21.07
C PHE B 147 10.68 -8.60 22.39
N VAL B 148 11.23 -7.38 22.35
CA VAL B 148 11.11 -6.37 23.45
C VAL B 148 9.87 -5.50 23.18
N TYR B 149 9.00 -5.37 24.18
CA TYR B 149 7.81 -4.48 24.17
C TYR B 149 8.08 -3.32 25.12
N ALA B 150 7.72 -2.10 24.69
CA ALA B 150 8.13 -0.80 25.28
C ALA B 150 7.85 -0.78 26.79
N MET B 151 6.59 -0.95 27.20
CA MET B 151 6.19 -0.87 28.64
C MET B 151 7.06 -1.81 29.48
N ASP B 152 7.34 -3.03 28.97
CA ASP B 152 8.26 -3.99 29.64
C ASP B 152 9.60 -3.29 29.88
N PHE B 153 10.22 -2.72 28.84
CA PHE B 153 11.51 -1.99 28.88
C PHE B 153 11.45 -0.89 29.93
N ILE B 154 10.50 0.03 29.78
CA ILE B 154 10.31 1.20 30.69
C ILE B 154 10.11 0.71 32.13
N ASP B 155 9.32 -0.35 32.33
CA ASP B 155 8.99 -0.94 33.66
C ASP B 155 10.29 -1.37 34.35
N VAL B 156 11.21 -2.00 33.61
CA VAL B 156 12.56 -2.41 34.11
C VAL B 156 13.30 -1.14 34.56
N LEU B 157 13.32 -0.10 33.73
CA LEU B 157 14.05 1.17 33.98
C LEU B 157 13.61 1.78 35.31
N LYS B 158 12.31 1.79 35.60
CA LYS B 158 11.74 2.39 36.84
C LYS B 158 12.05 1.50 38.04
N LYS B 159 11.95 0.18 37.86
CA LYS B 159 12.35 -0.85 38.85
C LYS B 159 13.80 -0.57 39.28
N LYS B 160 14.67 -0.29 38.30
CA LYS B 160 16.11 0.01 38.49
C LYS B 160 16.28 1.33 39.26
N HIS B 161 15.45 2.34 38.97
CA HIS B 161 15.47 3.66 39.66
C HIS B 161 15.12 3.47 41.15
N ALA B 162 14.11 2.64 41.45
CA ALA B 162 13.63 2.34 42.81
C ALA B 162 14.73 1.62 43.61
N SER B 163 15.54 0.79 42.95
CA SER B 163 16.72 0.08 43.54
C SER B 163 17.86 1.06 43.87
N GLY B 164 17.75 2.32 43.46
CA GLY B 164 18.81 3.35 43.53
C GLY B 164 20.09 2.87 42.90
N GLY B 165 20.00 2.19 41.75
CA GLY B 165 21.07 1.38 41.14
C GLY B 165 21.99 2.19 40.23
N TYR B 166 21.61 3.42 39.87
CA TYR B 166 22.41 4.35 39.04
C TYR B 166 22.18 5.79 39.53
N LYS B 167 23.05 6.74 39.11
CA LYS B 167 22.87 8.19 39.38
C LYS B 167 22.10 8.81 38.22
N GLU B 168 22.65 8.70 37.00
CA GLU B 168 22.01 9.13 35.74
C GLU B 168 22.34 8.12 34.64
N MET B 169 21.45 7.99 33.64
CA MET B 169 21.53 7.02 32.53
C MET B 169 21.30 7.74 31.20
N VAL B 170 21.97 7.29 30.14
CA VAL B 170 21.73 7.69 28.72
C VAL B 170 21.44 6.44 27.90
N ILE B 171 20.41 6.50 27.04
CA ILE B 171 19.94 5.38 26.17
C ILE B 171 19.84 5.88 24.72
N TYR B 172 20.53 5.20 23.80
CA TYR B 172 20.51 5.47 22.34
C TYR B 172 19.85 4.28 21.62
N ILE B 173 18.68 4.47 21.00
CA ILE B 173 17.95 3.38 20.29
C ILE B 173 18.03 3.59 18.77
N GLU B 174 18.86 2.80 18.10
CA GLU B 174 18.84 2.63 16.62
C GLU B 174 17.78 1.58 16.29
N ALA B 175 16.70 1.97 15.61
CA ALA B 175 15.63 1.07 15.14
C ALA B 175 14.53 1.87 14.46
N CYS B 176 13.75 1.18 13.63
N CYS B 176 13.74 1.21 13.61
CA CYS B 176 12.57 1.71 12.89
CA CYS B 176 12.61 1.81 12.86
C CYS B 176 11.48 2.11 13.91
C CYS B 176 11.46 2.09 13.83
N GLU B 177 10.97 3.34 13.83
CA GLU B 177 9.88 3.87 14.69
C GLU B 177 10.30 3.86 16.16
N SER B 178 11.61 4.04 16.44
CA SER B 178 12.21 3.89 17.79
C SER B 178 11.51 4.81 18.79
N GLY B 179 11.19 6.06 18.41
CA GLY B 179 10.31 6.96 19.18
C GLY B 179 9.16 6.24 19.89
N SER B 180 8.59 5.20 19.29
CA SER B 180 7.38 4.50 19.80
C SER B 180 7.70 3.71 21.07
N ILE B 181 8.99 3.54 21.41
CA ILE B 181 9.41 2.82 22.64
C ILE B 181 9.18 3.74 23.86
N PHE B 182 9.20 5.07 23.66
CA PHE B 182 9.29 6.07 24.75
C PHE B 182 8.10 7.05 24.75
N GLU B 183 7.45 7.28 23.62
CA GLU B 183 6.41 8.35 23.53
C GLU B 183 5.19 7.94 24.36
N GLY B 184 4.80 8.84 25.27
CA GLY B 184 3.62 8.72 26.15
C GLY B 184 3.79 7.67 27.23
N ILE B 185 5.01 7.13 27.43
CA ILE B 185 5.26 6.06 28.43
C ILE B 185 6.58 6.29 29.20
N MET B 186 7.49 7.14 28.70
CA MET B 186 8.83 7.35 29.33
C MET B 186 8.76 8.54 30.28
N PRO B 187 8.92 8.34 31.62
CA PRO B 187 9.01 9.46 32.54
C PRO B 187 10.31 10.26 32.36
N LYS B 188 10.29 11.53 32.78
CA LYS B 188 11.45 12.46 32.74
C LYS B 188 11.97 12.71 34.16
N ASP B 189 11.59 11.84 35.13
CA ASP B 189 11.95 11.93 36.57
C ASP B 189 12.80 10.72 37.01
N LEU B 190 13.23 9.86 36.09
CA LEU B 190 14.05 8.64 36.38
C LEU B 190 15.54 8.92 36.17
N ASN B 191 15.93 10.17 35.95
CA ASN B 191 17.36 10.54 35.67
C ASN B 191 17.85 9.83 34.40
N ILE B 192 16.94 9.39 33.52
CA ILE B 192 17.28 8.76 32.20
C ILE B 192 16.94 9.76 31.09
N TYR B 193 17.85 9.87 30.11
CA TYR B 193 17.72 10.65 28.86
C TYR B 193 17.92 9.71 27.67
N VAL B 194 17.02 9.80 26.70
CA VAL B 194 16.93 8.86 25.55
C VAL B 194 17.07 9.64 24.24
N THR B 195 17.81 9.08 23.28
CA THR B 195 17.70 9.45 21.85
C THR B 195 17.32 8.21 21.04
N THR B 196 16.61 8.43 19.94
CA THR B 196 16.08 7.38 19.02
C THR B 196 16.42 7.81 17.60
N ALA B 197 16.78 6.86 16.74
CA ALA B 197 17.14 7.11 15.33
C ALA B 197 15.97 7.81 14.60
N SER B 198 14.72 7.48 14.96
CA SER B 198 13.49 7.92 14.25
C SER B 198 12.39 8.31 15.25
N ASN B 199 11.40 9.07 14.78
CA ASN B 199 10.13 9.31 15.51
C ASN B 199 9.39 7.96 15.59
N ALA B 200 8.12 7.98 16.00
CA ALA B 200 7.33 6.76 16.32
C ALA B 200 6.52 6.30 15.11
N GLN B 201 6.83 6.79 13.89
CA GLN B 201 6.02 6.49 12.68
C GLN B 201 6.84 6.60 11.39
N GLU B 202 8.14 6.25 11.41
CA GLU B 202 9.01 6.37 10.22
C GLU B 202 10.20 5.41 10.33
N ASN B 203 10.73 5.02 9.18
CA ASN B 203 11.86 4.08 9.01
C ASN B 203 13.14 4.71 9.53
N SER B 204 14.06 3.91 10.07
CA SER B 204 15.51 4.24 10.21
C SER B 204 16.26 3.72 8.98
N PHE B 205 17.57 3.92 8.88
CA PHE B 205 18.35 3.69 7.64
C PHE B 205 19.71 3.04 7.94
N GLY B 206 20.24 2.34 6.94
CA GLY B 206 21.65 1.89 6.89
C GLY B 206 22.47 2.73 5.94
N THR B 207 23.74 2.96 6.25
CA THR B 207 24.76 3.56 5.34
C THR B 207 25.93 2.59 5.18
N TYR B 208 26.87 2.94 4.29
CA TYR B 208 28.04 2.12 3.92
C TYR B 208 27.49 0.84 3.28
N CYS B 209 26.69 1.04 2.22
CA CYS B 209 25.84 0.02 1.55
C CYS B 209 26.30 -0.16 0.10
N PRO B 210 26.27 -1.40 -0.43
CA PRO B 210 27.06 -1.78 -1.61
C PRO B 210 27.27 -0.74 -2.71
N GLY B 211 26.19 -0.21 -3.32
CA GLY B 211 26.28 0.73 -4.45
C GLY B 211 25.80 2.12 -4.08
N MET B 212 26.44 2.75 -3.08
CA MET B 212 25.97 4.03 -2.48
C MET B 212 27.13 5.03 -2.35
N ASN B 213 26.80 6.33 -2.41
CA ASN B 213 27.72 7.51 -2.51
C ASN B 213 28.88 7.44 -1.51
N PRO B 214 28.68 7.03 -0.24
CA PRO B 214 29.80 6.67 0.64
C PRO B 214 30.09 5.18 0.55
N PRO B 215 30.93 4.74 -0.43
CA PRO B 215 30.93 3.34 -0.88
C PRO B 215 31.77 2.42 -0.01
N PRO B 216 31.29 1.19 0.31
CA PRO B 216 32.09 0.21 1.03
C PRO B 216 33.06 -0.50 0.09
N PRO B 217 33.96 -1.37 0.59
CA PRO B 217 34.81 -2.16 -0.28
C PRO B 217 33.97 -3.06 -1.20
N GLU B 218 34.54 -3.42 -2.36
CA GLU B 218 33.87 -4.23 -3.42
C GLU B 218 33.35 -5.54 -2.81
N GLU B 219 34.15 -6.16 -1.94
CA GLU B 219 33.90 -7.53 -1.40
C GLU B 219 32.63 -7.56 -0.53
N TYR B 220 32.12 -6.40 -0.11
CA TYR B 220 31.02 -6.26 0.88
C TYR B 220 29.69 -6.07 0.15
N VAL B 221 28.74 -6.98 0.39
CA VAL B 221 27.38 -7.05 -0.23
C VAL B 221 26.30 -6.71 0.80
N THR B 222 26.70 -6.27 2.00
CA THR B 222 25.79 -5.74 3.04
C THR B 222 26.20 -4.32 3.44
N CYS B 223 25.21 -3.54 3.90
CA CYS B 223 25.38 -2.31 4.71
C CYS B 223 26.34 -2.61 5.88
N LEU B 224 27.33 -1.74 6.12
CA LEU B 224 28.32 -1.89 7.22
C LEU B 224 27.79 -1.26 8.52
N GLY B 225 26.94 -0.24 8.43
CA GLY B 225 26.43 0.49 9.62
C GLY B 225 25.07 1.12 9.39
N ASP B 226 24.61 1.87 10.39
CA ASP B 226 23.32 2.60 10.36
C ASP B 226 23.56 4.10 10.53
N LEU B 227 22.90 4.91 9.68
CA LEU B 227 23.05 6.39 9.60
C LEU B 227 23.14 6.96 11.02
N TYR B 228 22.15 6.68 11.88
CA TYR B 228 22.06 7.20 13.28
C TYR B 228 23.28 6.71 14.07
N SER B 229 23.44 5.38 14.20
CA SER B 229 24.47 4.70 15.01
C SER B 229 25.86 5.22 14.61
N VAL B 230 26.19 5.08 13.32
CA VAL B 230 27.46 5.56 12.70
C VAL B 230 27.65 7.05 13.02
N SER B 231 26.58 7.84 12.97
CA SER B 231 26.59 9.32 13.14
C SER B 231 27.13 9.74 14.52
N TRP B 232 26.69 9.10 15.60
CA TRP B 232 27.06 9.50 16.99
C TRP B 232 28.43 8.92 17.37
N MET B 233 28.75 7.72 16.88
CA MET B 233 30.03 7.04 17.20
C MET B 233 31.18 7.76 16.48
N GLU B 234 30.99 8.12 15.21
CA GLU B 234 31.99 8.95 14.47
C GLU B 234 32.09 10.30 15.20
N ASP B 235 31.00 10.81 15.76
CA ASP B 235 30.97 12.14 16.44
C ASP B 235 31.85 12.06 17.69
N SER B 236 31.63 11.04 18.53
CA SER B 236 32.28 10.90 19.86
C SER B 236 33.78 10.64 19.71
N GLU B 237 34.21 10.00 18.62
CA GLU B 237 35.62 9.61 18.37
C GLU B 237 36.35 10.72 17.59
N THR B 238 35.64 11.76 17.16
CA THR B 238 36.15 12.89 16.34
C THR B 238 36.18 14.17 17.19
N HIS B 239 35.93 14.08 18.49
CA HIS B 239 35.85 15.25 19.41
C HIS B 239 36.42 14.91 20.79
N ASN B 240 36.88 15.95 21.51
CA ASN B 240 37.21 15.91 22.96
C ASN B 240 35.91 15.81 23.74
N LEU B 241 35.57 14.61 24.21
CA LEU B 241 34.30 14.29 24.93
C LEU B 241 34.24 14.97 26.30
N LYS B 242 35.37 15.50 26.80
CA LYS B 242 35.42 16.34 28.03
C LYS B 242 34.95 17.76 27.71
N ARG B 243 34.99 18.16 26.44
CA ARG B 243 34.71 19.53 25.93
C ARG B 243 33.28 19.60 25.38
N GLU B 244 32.88 18.61 24.59
CA GLU B 244 31.54 18.52 23.92
C GLU B 244 30.47 18.08 24.94
N THR B 245 29.23 18.53 24.74
CA THR B 245 28.06 18.22 25.61
C THR B 245 27.18 17.18 24.91
N VAL B 246 26.42 16.42 25.70
CA VAL B 246 25.36 15.47 25.21
C VAL B 246 24.49 16.19 24.16
N GLN B 247 24.08 17.41 24.48
CA GLN B 247 23.19 18.27 23.66
C GLN B 247 23.86 18.57 22.31
N GLN B 248 25.13 18.96 22.32
CA GLN B 248 25.91 19.28 21.08
C GLN B 248 25.90 18.06 20.16
N GLN B 249 26.24 16.88 20.71
CA GLN B 249 26.18 15.60 19.99
C GLN B 249 24.80 15.46 19.33
N TYR B 250 23.73 15.47 20.13
CA TYR B 250 22.34 15.21 19.66
C TYR B 250 22.06 16.05 18.42
N GLN B 251 22.40 17.34 18.47
CA GLN B 251 22.08 18.33 17.42
C GLN B 251 22.98 18.08 16.19
N SER B 252 24.13 17.43 16.35
CA SER B 252 25.01 16.98 15.23
C SER B 252 24.50 15.69 14.60
N VAL B 253 23.93 14.78 15.40
CA VAL B 253 23.41 13.45 14.98
C VAL B 253 22.07 13.65 14.26
N ARG B 254 21.30 14.65 14.73
CA ARG B 254 19.99 15.07 14.17
C ARG B 254 20.20 15.55 12.72
N LYS B 255 21.17 16.44 12.49
CA LYS B 255 21.48 16.98 11.15
C LYS B 255 21.86 15.84 10.20
N ARG B 256 22.87 15.05 10.57
CA ARG B 256 23.47 13.98 9.74
C ARG B 256 22.43 12.91 9.39
N THR B 257 21.50 12.61 10.31
CA THR B 257 20.51 11.49 10.18
C THR B 257 19.32 11.93 9.31
N SER B 258 19.05 13.24 9.23
CA SER B 258 17.95 13.83 8.44
C SER B 258 18.43 14.12 7.02
N ASN B 259 19.73 13.98 6.77
CA ASN B 259 20.42 14.43 5.52
C ASN B 259 19.96 15.86 5.22
N SER B 260 20.17 16.78 6.17
CA SER B 260 19.85 18.24 6.09
C SER B 260 18.33 18.44 5.90
N ASN B 261 17.53 17.67 6.64
CA ASN B 261 16.05 17.80 6.76
C ASN B 261 15.35 17.42 5.43
N SER B 262 15.92 16.48 4.66
CA SER B 262 15.21 15.72 3.59
C SER B 262 14.87 14.32 4.11
N TYR B 263 13.63 14.11 4.56
CA TYR B 263 13.21 12.96 5.41
C TYR B 263 12.73 11.78 4.54
N ARG B 264 12.83 11.91 3.21
CA ARG B 264 12.66 10.78 2.25
C ARG B 264 13.88 9.86 2.36
N PHE B 265 15.06 10.42 2.64
CA PHE B 265 16.37 9.70 2.69
C PHE B 265 17.00 9.83 4.10
N GLY B 266 16.17 10.01 5.12
CA GLY B 266 16.64 10.20 6.51
C GLY B 266 15.50 10.15 7.50
N SER B 267 15.80 10.35 8.79
CA SER B 267 14.81 10.27 9.90
C SER B 267 15.05 11.38 10.93
N HIS B 268 14.03 11.63 11.75
CA HIS B 268 14.03 12.61 12.87
C HIS B 268 14.60 11.91 14.11
N VAL B 269 15.82 12.28 14.51
CA VAL B 269 16.44 11.85 15.81
C VAL B 269 15.76 12.64 16.93
N MET B 270 15.13 11.91 17.86
CA MET B 270 14.26 12.47 18.93
C MET B 270 15.03 12.53 20.26
N GLN B 271 14.51 13.29 21.23
CA GLN B 271 14.96 13.29 22.65
C GLN B 271 13.77 12.96 23.54
N TYR B 272 14.00 12.15 24.58
CA TYR B 272 13.00 11.80 25.62
C TYR B 272 13.70 11.77 26.98
N GLY B 273 12.91 11.65 28.06
CA GLY B 273 13.40 11.60 29.45
C GLY B 273 13.93 12.95 29.92
N ASP B 274 14.82 12.92 30.90
CA ASP B 274 15.35 14.11 31.64
C ASP B 274 16.30 14.89 30.74
N THR B 275 15.84 16.02 30.19
CA THR B 275 16.57 16.87 29.21
C THR B 275 17.62 17.75 29.93
N ASN B 276 17.77 17.61 31.25
CA ASN B 276 18.82 18.33 32.02
C ASN B 276 20.17 17.67 31.76
N ILE B 277 20.16 16.35 31.49
CA ILE B 277 21.37 15.52 31.21
C ILE B 277 22.07 16.06 29.94
N THR B 278 21.37 16.86 29.13
CA THR B 278 21.87 17.37 27.82
C THR B 278 22.92 18.47 28.04
N ALA B 279 22.98 19.07 29.24
CA ALA B 279 23.96 20.12 29.58
C ALA B 279 25.32 19.50 29.99
N GLU B 280 25.34 18.19 30.29
CA GLU B 280 26.54 17.48 30.81
C GLU B 280 27.55 17.24 29.67
N LYS B 281 28.84 17.24 30.01
CA LYS B 281 29.92 16.81 29.10
C LYS B 281 29.70 15.32 28.80
N LEU B 282 30.07 14.89 27.60
CA LEU B 282 29.70 13.56 27.01
C LEU B 282 30.53 12.44 27.65
N TYR B 283 31.75 12.74 28.11
CA TYR B 283 32.75 11.76 28.61
C TYR B 283 32.22 11.04 29.86
N LEU B 284 31.27 11.64 30.58
CA LEU B 284 30.58 11.01 31.74
C LEU B 284 29.90 9.70 31.32
N TYR B 285 29.64 9.50 30.01
CA TYR B 285 28.87 8.35 29.44
C TYR B 285 29.70 7.56 28.43
N HIS B 286 30.48 8.22 27.57
CA HIS B 286 31.31 7.59 26.50
C HIS B 286 32.79 7.54 26.89
N GLY B 287 33.14 7.96 28.11
CA GLY B 287 34.54 8.05 28.59
C GLY B 287 35.33 9.12 27.85
N PHE B 288 36.62 9.26 28.17
CA PHE B 288 37.57 10.21 27.51
C PHE B 288 38.72 9.44 26.85
N ASP B 289 38.87 9.58 25.54
CA ASP B 289 40.03 9.07 24.78
C ASP B 289 41.13 10.12 24.89
N PRO B 290 42.28 9.82 25.54
CA PRO B 290 43.34 10.81 25.72
C PRO B 290 43.81 11.41 24.39
N ALA B 291 43.80 10.63 23.31
CA ALA B 291 44.19 11.05 21.94
C ALA B 291 43.36 12.27 21.49
N THR B 292 42.15 12.45 22.02
CA THR B 292 41.16 13.46 21.51
C THR B 292 41.52 14.88 21.98
N VAL B 293 42.46 15.06 22.90
CA VAL B 293 42.97 16.41 23.32
C VAL B 293 43.43 17.16 22.05
N ASN B 294 43.01 18.43 21.90
CA ASN B 294 43.41 19.37 20.82
C ASN B 294 42.56 19.15 19.55
N PHE B 295 41.44 18.43 19.66
CA PHE B 295 40.52 18.12 18.52
C PHE B 295 39.54 19.27 18.35
N PRO B 296 38.99 19.50 17.12
CA PRO B 296 38.03 20.57 16.89
C PRO B 296 36.89 20.48 17.90
N PRO B 297 36.55 21.60 18.60
CA PRO B 297 35.40 21.61 19.52
C PRO B 297 34.04 21.62 18.81
N HIS B 298 33.95 22.31 17.65
CA HIS B 298 32.74 22.51 16.81
C HIS B 298 32.82 23.89 16.15
N LEU B 302 27.75 20.57 9.03
CA LEU B 302 28.38 20.96 7.75
C LEU B 302 29.14 19.76 7.15
N GLU B 303 28.39 18.75 6.67
CA GLU B 303 28.91 17.51 6.03
C GLU B 303 27.99 17.09 4.87
N ALA B 304 28.56 16.43 3.85
CA ALA B 304 27.85 15.96 2.64
C ALA B 304 26.74 14.98 3.01
N LYS B 305 25.65 14.96 2.24
CA LYS B 305 24.47 14.08 2.46
C LYS B 305 24.82 12.65 2.04
N MET B 306 24.81 11.71 2.98
CA MET B 306 25.15 10.28 2.79
C MET B 306 23.99 9.58 2.08
N GLU B 307 24.29 8.79 1.05
CA GLU B 307 23.30 7.89 0.36
C GLU B 307 23.03 6.69 1.26
N VAL B 308 21.75 6.39 1.52
CA VAL B 308 21.28 5.50 2.62
C VAL B 308 20.41 4.38 2.04
N VAL B 309 19.99 3.45 2.90
CA VAL B 309 19.02 2.37 2.58
C VAL B 309 18.00 2.26 3.71
N ASN B 310 16.72 2.23 3.35
CA ASN B 310 15.57 1.89 4.23
C ASN B 310 15.85 0.56 4.96
N GLN B 311 15.95 0.58 6.30
CA GLN B 311 16.27 -0.61 7.12
C GLN B 311 15.33 -1.77 6.78
N ARG B 312 14.07 -1.48 6.44
CA ARG B 312 13.06 -2.53 6.13
C ARG B 312 13.27 -3.10 4.73
N ASP B 313 13.96 -2.36 3.83
CA ASP B 313 14.31 -2.81 2.45
C ASP B 313 15.60 -3.66 2.47
N ALA B 314 16.59 -3.29 3.29
CA ALA B 314 17.99 -3.78 3.27
C ALA B 314 18.07 -5.32 3.12
N GLU B 315 17.37 -6.07 3.96
CA GLU B 315 17.54 -7.54 4.10
C GLU B 315 17.04 -8.25 2.84
N LEU B 316 16.25 -7.57 2.01
CA LEU B 316 15.70 -8.07 0.73
C LEU B 316 16.60 -7.63 -0.43
N LEU B 317 17.17 -6.42 -0.33
CA LEU B 317 18.16 -5.89 -1.29
C LEU B 317 19.42 -6.77 -1.28
N PHE B 318 19.75 -7.33 -0.10
CA PHE B 318 20.91 -8.23 0.14
C PHE B 318 20.67 -9.54 -0.62
N MET B 319 19.52 -10.19 -0.38
CA MET B 319 19.11 -11.45 -1.05
C MET B 319 19.18 -11.28 -2.57
N TRP B 320 18.82 -10.09 -3.08
CA TRP B 320 18.84 -9.76 -4.54
C TRP B 320 20.28 -9.58 -5.03
N GLN B 321 21.15 -8.95 -4.24
CA GLN B 321 22.57 -8.70 -4.61
C GLN B 321 23.26 -10.06 -4.84
N MET B 322 22.99 -11.04 -3.97
CA MET B 322 23.49 -12.44 -4.09
C MET B 322 22.93 -13.09 -5.37
N TYR B 323 21.61 -13.02 -5.57
CA TYR B 323 20.90 -13.57 -6.75
C TYR B 323 21.62 -13.14 -8.04
N GLN B 324 22.10 -11.89 -8.10
CA GLN B 324 22.78 -11.30 -9.29
C GLN B 324 24.26 -11.70 -9.30
N ARG B 325 24.89 -11.84 -8.12
CA ARG B 325 26.27 -12.40 -8.00
C ARG B 325 26.22 -13.85 -8.50
N SER B 326 25.39 -14.67 -7.86
CA SER B 326 25.28 -16.14 -8.04
C SER B 326 24.67 -16.47 -9.40
N ASN B 327 25.21 -15.89 -10.48
CA ASN B 327 24.77 -16.15 -11.87
C ASN B 327 25.22 -17.56 -12.28
N HIS B 328 26.52 -17.85 -12.15
CA HIS B 328 27.17 -19.09 -12.66
C HIS B 328 27.17 -20.18 -11.59
N GLN B 329 26.09 -20.25 -10.79
CA GLN B 329 25.71 -21.43 -9.97
C GLN B 329 24.19 -21.57 -10.03
N PRO B 330 23.61 -21.91 -11.21
CA PRO B 330 22.18 -22.17 -11.33
C PRO B 330 21.60 -23.12 -10.26
N GLU B 331 22.42 -24.01 -9.69
CA GLU B 331 22.06 -24.88 -8.54
C GLU B 331 21.76 -24.00 -7.32
N LYS B 332 22.75 -23.21 -6.90
CA LYS B 332 22.76 -22.34 -5.69
C LYS B 332 21.93 -21.08 -5.97
N LYS B 333 22.06 -20.50 -7.17
CA LYS B 333 21.26 -19.32 -7.64
C LYS B 333 19.78 -19.54 -7.31
N THR B 334 19.21 -20.65 -7.77
CA THR B 334 17.74 -20.93 -7.69
C THR B 334 17.33 -21.24 -6.25
N HIS B 335 18.28 -21.36 -5.31
CA HIS B 335 18.02 -21.47 -3.85
C HIS B 335 17.73 -20.08 -3.28
N ILE B 336 18.46 -19.07 -3.77
CA ILE B 336 18.25 -17.61 -3.46
C ILE B 336 16.85 -17.23 -3.93
N LEU B 337 16.63 -17.27 -5.23
CA LEU B 337 15.32 -17.04 -5.91
C LEU B 337 14.17 -17.74 -5.16
N GLU B 338 14.42 -18.95 -4.63
CA GLU B 338 13.44 -19.73 -3.83
C GLU B 338 13.23 -19.00 -2.49
N GLN B 339 14.33 -18.64 -1.82
CA GLN B 339 14.34 -17.95 -0.50
C GLN B 339 13.62 -16.61 -0.60
N ILE B 340 13.90 -15.85 -1.66
CA ILE B 340 13.27 -14.54 -1.98
C ILE B 340 11.75 -14.74 -2.05
N THR B 341 11.27 -15.58 -2.98
CA THR B 341 9.83 -15.78 -3.29
C THR B 341 9.09 -16.32 -2.06
N GLU B 342 9.77 -17.03 -1.16
CA GLU B 342 9.20 -17.58 0.10
C GLU B 342 8.98 -16.43 1.08
N THR B 343 10.03 -15.62 1.28
CA THR B 343 10.06 -14.40 2.13
C THR B 343 8.90 -13.47 1.74
N VAL B 344 8.89 -12.98 0.50
CA VAL B 344 7.87 -12.04 -0.05
C VAL B 344 6.46 -12.66 0.06
N LYS B 345 6.33 -13.98 -0.16
CA LYS B 345 5.03 -14.70 -0.03
C LYS B 345 4.51 -14.59 1.40
N HIS B 346 5.41 -14.66 2.38
CA HIS B 346 5.08 -14.54 3.83
C HIS B 346 4.85 -13.05 4.17
N ARG B 347 5.66 -12.17 3.60
CA ARG B 347 5.48 -10.69 3.71
C ARG B 347 4.05 -10.36 3.23
N ASN B 348 3.68 -10.85 2.05
CA ASN B 348 2.39 -10.57 1.36
C ASN B 348 1.23 -11.19 2.14
N HIS B 349 1.34 -12.46 2.55
CA HIS B 349 0.35 -13.18 3.42
C HIS B 349 0.02 -12.34 4.67
N LEU B 350 1.06 -11.96 5.42
CA LEU B 350 0.95 -11.19 6.69
C LEU B 350 0.21 -9.88 6.44
N ASP B 351 0.69 -9.08 5.49
CA ASP B 351 0.08 -7.77 5.09
C ASP B 351 -1.38 -8.00 4.74
N GLY B 352 -1.65 -8.98 3.87
CA GLY B 352 -3.01 -9.32 3.37
C GLY B 352 -3.95 -9.76 4.48
N SER B 353 -3.43 -10.53 5.44
CA SER B 353 -4.20 -11.12 6.57
C SER B 353 -4.63 -10.03 7.53
N VAL B 354 -3.68 -9.22 8.00
CA VAL B 354 -3.95 -8.00 8.82
C VAL B 354 -5.13 -7.25 8.17
N GLU B 355 -5.00 -6.90 6.89
CA GLU B 355 -6.02 -6.12 6.13
C GLU B 355 -7.40 -6.76 6.29
N LEU B 356 -7.50 -8.07 6.02
CA LEU B 356 -8.77 -8.84 6.04
C LEU B 356 -9.32 -8.84 7.46
N ILE B 357 -8.45 -9.04 8.45
CA ILE B 357 -8.85 -9.06 9.89
C ILE B 357 -9.51 -7.72 10.20
N GLY B 358 -8.99 -6.63 9.63
CA GLY B 358 -9.59 -5.29 9.75
C GLY B 358 -11.00 -5.27 9.20
N VAL B 359 -11.15 -5.76 7.97
CA VAL B 359 -12.45 -5.86 7.24
C VAL B 359 -13.46 -6.62 8.11
N LEU B 360 -13.04 -7.75 8.70
CA LEU B 360 -13.92 -8.66 9.47
C LEU B 360 -14.32 -8.03 10.82
N LEU B 361 -13.47 -7.17 11.41
CA LEU B 361 -13.67 -6.58 12.76
C LEU B 361 -14.43 -5.25 12.68
N TYR B 362 -14.15 -4.41 11.67
CA TYR B 362 -14.67 -3.02 11.56
C TYR B 362 -15.39 -2.76 10.23
N GLY B 363 -15.44 -3.73 9.31
CA GLY B 363 -16.03 -3.55 7.97
C GLY B 363 -15.08 -2.82 7.00
N PRO B 364 -15.30 -2.94 5.68
CA PRO B 364 -14.30 -2.54 4.69
C PRO B 364 -14.34 -1.05 4.29
N GLY B 365 -15.18 -0.25 4.95
CA GLY B 365 -15.32 1.19 4.73
C GLY B 365 -14.50 2.01 5.70
N LYS B 366 -14.10 1.43 6.83
CA LYS B 366 -13.40 2.14 7.93
C LYS B 366 -12.28 1.29 8.56
N SER B 367 -11.95 0.12 8.00
CA SER B 367 -10.93 -0.82 8.56
C SER B 367 -9.54 -0.21 8.44
N SER B 368 -9.14 0.24 7.24
CA SER B 368 -7.81 0.84 6.98
C SER B 368 -7.55 1.94 8.02
N SER B 369 -8.42 2.95 8.08
CA SER B 369 -8.33 4.09 9.03
C SER B 369 -8.14 3.59 10.47
N VAL B 370 -8.82 2.52 10.88
CA VAL B 370 -8.76 2.02 12.29
C VAL B 370 -7.40 1.35 12.52
N LEU B 371 -6.96 0.47 11.62
CA LEU B 371 -5.68 -0.29 11.72
C LEU B 371 -4.46 0.63 11.69
N HIS B 372 -4.37 1.53 10.72
CA HIS B 372 -3.11 2.23 10.32
C HIS B 372 -3.09 3.69 10.77
N SER B 373 -4.07 4.15 11.55
CA SER B 373 -4.12 5.54 12.08
C SER B 373 -3.03 5.67 13.14
N VAL B 374 -2.22 6.73 13.05
CA VAL B 374 -1.14 7.07 14.02
C VAL B 374 -1.69 8.10 15.01
N ARG B 375 -1.51 7.86 16.30
CA ARG B 375 -1.88 8.83 17.36
C ARG B 375 -1.00 10.07 17.22
N ALA B 376 -1.40 11.17 17.83
CA ALA B 376 -0.63 12.44 17.85
C ALA B 376 0.70 12.19 18.57
N PRO B 377 1.81 12.81 18.12
CA PRO B 377 3.09 12.67 18.82
C PRO B 377 2.88 12.91 20.31
N GLY B 378 3.41 12.01 21.16
CA GLY B 378 3.44 12.15 22.62
C GLY B 378 2.39 11.30 23.31
N LEU B 379 1.34 10.90 22.59
CA LEU B 379 0.39 9.86 23.06
C LEU B 379 1.02 8.48 22.86
N PRO B 380 0.76 7.51 23.75
CA PRO B 380 1.38 6.19 23.65
C PRO B 380 0.70 5.35 22.55
N LEU B 381 1.40 4.35 22.05
CA LEU B 381 0.92 3.48 20.93
C LEU B 381 -0.38 2.81 21.36
N VAL B 382 -0.31 2.09 22.48
CA VAL B 382 -1.37 1.23 23.07
C VAL B 382 -1.83 1.90 24.36
N ASP B 383 -2.96 1.47 24.92
CA ASP B 383 -3.41 1.88 26.28
C ASP B 383 -3.37 0.67 27.23
N ASP B 384 -3.64 -0.53 26.72
CA ASP B 384 -3.50 -1.81 27.46
C ASP B 384 -2.46 -2.70 26.76
N TRP B 385 -1.22 -2.73 27.29
CA TRP B 385 -0.07 -3.47 26.72
C TRP B 385 -0.26 -4.99 26.87
N THR B 386 -1.05 -5.41 27.86
CA THR B 386 -1.38 -6.83 28.13
C THR B 386 -2.16 -7.39 26.94
N CYS B 387 -3.15 -6.62 26.47
CA CYS B 387 -3.99 -6.92 25.29
C CYS B 387 -3.11 -6.99 24.04
N LEU B 388 -2.21 -6.01 23.82
CA LEU B 388 -1.34 -5.96 22.62
C LEU B 388 -0.69 -7.33 22.44
N LYS B 389 0.03 -7.79 23.46
CA LYS B 389 0.72 -9.10 23.50
C LYS B 389 -0.31 -10.21 23.26
N SER B 390 -1.49 -10.10 23.87
CA SER B 390 -2.62 -11.06 23.77
C SER B 390 -3.06 -11.20 22.30
N MET B 391 -3.38 -10.08 21.66
CA MET B 391 -3.83 -9.99 20.24
C MET B 391 -2.76 -10.62 19.34
N VAL B 392 -1.48 -10.40 19.66
CA VAL B 392 -0.32 -10.83 18.84
C VAL B 392 -0.18 -12.35 18.91
N ARG B 393 -0.42 -12.96 20.08
CA ARG B 393 -0.38 -14.44 20.26
C ARG B 393 -1.51 -15.06 19.43
N VAL B 394 -2.74 -14.56 19.61
CA VAL B 394 -3.95 -14.95 18.81
C VAL B 394 -3.56 -14.94 17.33
N PHE B 395 -3.02 -13.83 16.84
CA PHE B 395 -2.70 -13.63 15.40
C PHE B 395 -1.78 -14.76 14.93
N GLU B 396 -0.68 -14.97 15.65
CA GLU B 396 0.39 -15.91 15.27
C GLU B 396 -0.13 -17.36 15.31
N THR B 397 -0.98 -17.70 16.30
CA THR B 397 -1.48 -19.10 16.49
C THR B 397 -2.26 -19.51 15.23
N HIS B 398 -3.04 -18.57 14.66
CA HIS B 398 -3.95 -18.79 13.49
C HIS B 398 -3.28 -18.43 12.15
N CYS B 399 -2.38 -17.44 12.13
CA CYS B 399 -1.93 -16.78 10.86
C CYS B 399 -0.44 -17.01 10.57
N GLY B 400 0.40 -17.14 11.60
CA GLY B 400 1.84 -17.49 11.48
C GLY B 400 2.74 -16.51 12.21
N SER B 401 4.00 -16.88 12.41
CA SER B 401 5.04 -16.10 13.11
C SER B 401 5.21 -14.76 12.42
N LEU B 402 5.14 -13.65 13.16
CA LEU B 402 5.33 -12.29 12.62
C LEU B 402 6.67 -12.19 11.88
N THR B 403 7.68 -12.92 12.34
CA THR B 403 9.11 -12.67 11.98
C THR B 403 9.44 -11.23 12.41
N GLN B 404 10.67 -10.77 12.18
CA GLN B 404 11.07 -9.37 12.51
C GLN B 404 10.27 -8.40 11.63
N TYR B 405 10.02 -8.78 10.37
CA TYR B 405 9.24 -7.96 9.40
C TYR B 405 7.91 -7.57 10.05
N GLY B 406 7.19 -8.53 10.64
CA GLY B 406 5.84 -8.37 11.17
C GLY B 406 5.76 -7.36 12.32
N MET B 407 6.91 -6.89 12.82
CA MET B 407 6.98 -5.82 13.85
C MET B 407 6.28 -4.56 13.32
N LYS B 408 6.30 -4.35 12.00
CA LYS B 408 5.69 -3.17 11.33
C LYS B 408 4.20 -3.12 11.66
N HIS B 409 3.57 -4.28 11.90
CA HIS B 409 2.10 -4.44 12.06
C HIS B 409 1.64 -4.21 13.51
N MET B 410 2.53 -3.77 14.42
CA MET B 410 2.16 -3.62 15.86
C MET B 410 1.09 -2.53 16.03
N ARG B 411 1.22 -1.39 15.34
CA ARG B 411 0.22 -0.28 15.43
C ARG B 411 -1.17 -0.87 15.18
N ALA B 412 -1.34 -1.58 14.06
CA ALA B 412 -2.52 -2.41 13.74
C ALA B 412 -3.01 -3.11 15.02
N PHE B 413 -2.21 -3.99 15.60
CA PHE B 413 -2.59 -4.82 16.78
C PHE B 413 -2.96 -3.88 17.94
N GLY B 414 -2.09 -2.92 18.24
CA GLY B 414 -2.31 -1.89 19.26
C GLY B 414 -3.61 -1.13 19.04
N ASN B 415 -3.95 -0.83 17.77
CA ASN B 415 -5.13 -0.03 17.38
C ASN B 415 -6.38 -0.90 17.51
N VAL B 416 -6.24 -2.22 17.43
CA VAL B 416 -7.34 -3.19 17.71
C VAL B 416 -7.66 -3.12 19.21
N CYS B 417 -6.62 -3.21 20.05
CA CYS B 417 -6.69 -3.11 21.53
C CYS B 417 -7.35 -1.79 21.93
N ASN B 418 -7.00 -0.69 21.24
CA ASN B 418 -7.51 0.69 21.51
C ASN B 418 -9.00 0.81 21.13
N SER B 419 -9.46 0.01 20.16
CA SER B 419 -10.86 -0.03 19.65
C SER B 419 -11.74 -0.93 20.54
N GLY B 420 -11.12 -1.66 21.47
CA GLY B 420 -11.80 -2.44 22.53
C GLY B 420 -12.39 -3.75 22.03
N VAL B 421 -11.85 -4.29 20.94
CA VAL B 421 -12.30 -5.59 20.36
C VAL B 421 -12.00 -6.69 21.37
N SER B 422 -12.96 -7.59 21.60
CA SER B 422 -12.83 -8.76 22.50
C SER B 422 -11.79 -9.73 21.92
N LYS B 423 -11.10 -10.48 22.79
CA LYS B 423 -10.13 -11.52 22.36
C LYS B 423 -10.84 -12.51 21.43
N ALA B 424 -12.11 -12.82 21.73
CA ALA B 424 -12.94 -13.80 21.00
C ALA B 424 -13.10 -13.33 19.55
N SER B 425 -13.50 -12.06 19.37
CA SER B 425 -13.71 -11.39 18.06
C SER B 425 -12.42 -11.49 17.22
N MET B 426 -11.28 -11.18 17.85
CA MET B 426 -9.92 -11.28 17.24
C MET B 426 -9.59 -12.74 16.90
N GLU B 427 -10.11 -13.69 17.68
CA GLU B 427 -9.91 -15.14 17.45
C GLU B 427 -10.66 -15.56 16.18
N GLU B 428 -11.95 -15.25 16.08
CA GLU B 428 -12.83 -15.61 14.94
C GLU B 428 -12.32 -14.96 13.64
N ALA B 429 -12.02 -13.66 13.70
CA ALA B 429 -11.50 -12.83 12.58
C ALA B 429 -10.23 -13.46 11.99
N CYS B 430 -9.30 -13.87 12.87
CA CYS B 430 -8.03 -14.57 12.50
C CYS B 430 -8.34 -15.97 11.95
N LYS B 431 -9.17 -16.73 12.67
CA LYS B 431 -9.59 -18.10 12.29
C LYS B 431 -10.20 -18.03 10.88
N ALA B 432 -11.11 -17.07 10.67
CA ALA B 432 -11.77 -16.79 9.38
C ALA B 432 -10.72 -16.37 8.34
N ALA B 433 -9.82 -15.46 8.71
CA ALA B 433 -8.84 -14.80 7.80
C ALA B 433 -7.82 -15.81 7.27
N CYS B 434 -7.33 -16.72 8.12
CA CYS B 434 -6.09 -17.51 7.89
C CYS B 434 -6.38 -19.02 7.87
N GLY B 435 -7.36 -19.50 8.63
CA GLY B 435 -7.77 -20.92 8.68
C GLY B 435 -8.08 -21.47 7.29
N GLY B 436 -7.05 -21.99 6.61
CA GLY B 436 -7.08 -22.34 5.18
C GLY B 436 -5.73 -22.15 4.51
N TYR B 437 -4.84 -21.36 5.10
CA TYR B 437 -3.46 -21.04 4.62
C TYR B 437 -2.43 -21.85 5.42
N ASP B 438 -1.41 -22.37 4.74
CA ASP B 438 -0.34 -23.23 5.32
C ASP B 438 0.98 -22.44 5.34
N ALA B 439 1.37 -21.97 6.52
CA ALA B 439 2.55 -21.09 6.73
C ALA B 439 3.86 -21.89 6.60
N GLY B 440 3.79 -23.23 6.72
CA GLY B 440 4.97 -24.11 6.68
C GLY B 440 5.65 -24.18 8.05
N LEU B 441 6.97 -24.00 8.09
CA LEU B 441 7.77 -24.02 9.34
C LEU B 441 7.51 -22.75 10.16
N LEU B 442 7.09 -21.66 9.51
CA LEU B 442 6.85 -20.35 10.16
C LEU B 442 5.51 -20.40 10.91
N TYR B 443 5.51 -21.00 12.11
CA TYR B 443 4.38 -20.99 13.08
C TYR B 443 4.95 -20.86 14.49
N PRO B 444 4.23 -20.21 15.43
CA PRO B 444 4.80 -19.91 16.75
C PRO B 444 5.18 -21.16 17.56
N SER B 445 4.56 -22.30 17.24
CA SER B 445 4.82 -23.62 17.89
C SER B 445 6.13 -24.23 17.36
N ASN B 446 6.88 -23.51 16.51
CA ASN B 446 8.26 -23.87 16.10
C ASN B 446 9.23 -22.75 16.51
N THR B 447 8.93 -21.50 16.12
CA THR B 447 9.81 -20.30 16.26
C THR B 447 9.51 -19.53 17.56
N GLY B 448 8.51 -19.94 18.34
CA GLY B 448 8.09 -19.23 19.56
C GLY B 448 7.26 -18.00 19.26
N TYR B 449 6.45 -17.55 20.23
CA TYR B 449 5.54 -16.37 20.11
C TYR B 449 6.35 -15.08 20.25
N SER B 450 6.03 -14.07 19.43
CA SER B 450 6.68 -12.75 19.41
C SER B 450 6.48 -12.01 20.74
N ALA B 451 5.30 -12.18 21.37
CA ALA B 451 4.98 -11.64 22.72
C ALA B 451 5.09 -12.75 23.77
#